data_5U30
#
_entry.id   5U30
#
_cell.length_a   116.747
_cell.length_b   184.807
_cell.length_c   214.287
_cell.angle_alpha   90.00
_cell.angle_beta   90.00
_cell.angle_gamma   90.00
#
_symmetry.space_group_name_H-M   'I 2 2 2'
#
loop_
_entity.id
_entity.type
_entity.pdbx_description
1 polymer 'CRISPR-associated endonuclease C2c1'
2 polymer sgRNA
3 polymer 'Target DNA strand'
4 polymer 'Non-target DNA strand'
5 non-polymer 'SULFATE ION'
6 water water
#
loop_
_entity_poly.entity_id
_entity_poly.type
_entity_poly.pdbx_seq_one_letter_code
_entity_poly.pdbx_strand_id
1 'polypeptide(L)'
;S(MSE)AVKSIKVKLRLDD(MSE)PEIRAGLWKLHKEVNAGVRYYTEWLSLLRQENLYRRSPNGDGEQECDKTAEECKAE
LLERLRARQVENGHRGPAGSDDELLQLARQLYELLVPQAIGAKGDAQQIARKFLSPLADKDAVGGLGIAKAGNKPRWVR
(MSE)REAGEPGWEEEKEKAETRKSADRTADVLRALADFGLKPL(MSE)RVYTDSE(MSE)SSVEWKPLRKGQAVRTWDR
D(MSE)FQQAIER(MSE)(MSE)SWESWNQRVGQEYAKLVEQKNRFEQKNFVGQEHLVHLVNQLQQD(MSE)KEASPGLE
SKEQTAHYVTGRALRGSDKVFEKWGKLAPDAPFDLYDAEIKNVQRRNTRRFGSHDLFAKLAEPEYQALWREDASFLTRYA
VYNSILRKLNHAK(MSE)FATFTLPDATAHPIWTRFDKLGGNLHQYTFLFNEFGERRHAIRFHKLLKVENGVAREVDDVT
VPIS(MSE)SEQLDNLLPRDPNEPIALYFRDYGAEQHFTGEFGGAKIQCRRDQLAH(MSE)HRRRGARDVYLNVSVRVQS
QSEARGERRPPYAAVFRLVGDNHRAFVHFDKLSDYLAEHPDDGKLGSEGLLSGLRV(MSE)SVALGLRTSASISVFRVAR
KDELKPNSKGRVPFFFPIKGNDNLVAVHERSQLLKLPGETESKDLRAIREERQRTLRQLRTQLAYLRLLVRCGSEDVGRR
ERSWAKLIEQPVDAANH(MSE)TPDWREAFENELQKLKSLHGICSDKEW(MSE)DAVYESVRRVWRH(MSE)GKQVRDWR
KDVRSGERPKIRGYAKDVVGGNSIEQIEYLERQYKFLKSWSFFGKVSGQVIRAEKGSRFAITLREHIDHAKEDRLKKLAD
RII(MSE)EALGYVYALDERGKGKWVAKYPPCQLILLAELSEYQFNNDRPPSENNQL(MSE)QWSHRGVFQELINQAQVH
DLLVGT(MSE)YAAFSSRFDARTGAPGIRCRRVPARCTQEHNPEPFPWWLNKFVVEHTLDACPLRADDLIPTGEGEIFVS
PFSAEEGDFHQIHAALNAAQNLQQRLWSDFDISQIRLRCDWGEVDGELVLIPRLTGKRTADSYSNKVFYTNTGVTYYERE
RGKKRRKVFAQEKLSEEEAELLVEADEAREKSVVL(MSE)RDPSGIINRGNWTRQKEFWS(MSE)VNQRIEGYLVKQIRS
RVPLQDSACENTGDI
;
A
2 'polyribonucleotide'
;GGUCUAGAGGACAGAAUUUUUCAACGGGUGUGCCAAUGGCCACUUUCCAGGUGGCAAAGCCCGUUGAGCUUCUCAAAUCU
GAGAAGUGGCACCAGAACCGGAGGACAAAGUC
;
B
3 'polydeoxyribonucleotide'
;(DC)(DT)(DG)(DC)(DC)(DG)(DT)(DT)(DT)(DG)(DG)(DA)(DC)(DT)(DT)(DT)(DG)(DT)(DC)(DC)
(DT)(DC)(DC)(DG)(DG)(DT)(DT)(DC)(DT)(DG)(DG)(DA)(DA)(DC)(DC)(DA)(DC)(DA)
;
C
4 'polydeoxyribonucleotide' (DT)(DG)(DT)(DG)(DG)(DT)(DT)(DC) D
#
loop_
_chem_comp.id
_chem_comp.type
_chem_comp.name
_chem_comp.formula
A RNA linking ADENOSINE-5'-MONOPHOSPHATE 'C10 H14 N5 O7 P'
C RNA linking CYTIDINE-5'-MONOPHOSPHATE 'C9 H14 N3 O8 P'
DA DNA linking 2'-DEOXYADENOSINE-5'-MONOPHOSPHATE 'C10 H14 N5 O6 P'
DC DNA linking 2'-DEOXYCYTIDINE-5'-MONOPHOSPHATE 'C9 H14 N3 O7 P'
DG DNA linking 2'-DEOXYGUANOSINE-5'-MONOPHOSPHATE 'C10 H14 N5 O7 P'
DT DNA linking THYMIDINE-5'-MONOPHOSPHATE 'C10 H15 N2 O8 P'
G RNA linking GUANOSINE-5'-MONOPHOSPHATE 'C10 H14 N5 O8 P'
SO4 non-polymer 'SULFATE ION' 'O4 S -2'
U RNA linking URIDINE-5'-MONOPHOSPHATE 'C9 H13 N2 O9 P'
#
# COMPACT_ATOMS: atom_id res chain seq x y z
N SER A 1 1.37 10.81 -20.43
CA SER A 1 0.43 10.78 -21.53
C SER A 1 0.51 9.44 -22.28
N MSE A 2 1.69 8.84 -22.26
CA MSE A 2 1.93 7.59 -22.98
C MSE A 2 2.48 6.53 -22.02
O MSE A 2 3.25 6.83 -21.13
CB MSE A 2 2.90 7.83 -24.14
CG MSE A 2 3.18 6.63 -25.02
SE MSE A 2 4.14 7.15 -26.63
CE MSE A 2 4.64 5.40 -27.30
N ALA A 3 2.06 5.28 -22.23
CA ALA A 3 2.45 4.20 -21.35
C ALA A 3 3.94 3.93 -21.44
N VAL A 4 4.64 4.08 -20.32
CA VAL A 4 6.07 3.81 -20.23
C VAL A 4 6.27 2.52 -19.46
N LYS A 5 7.17 1.67 -19.95
CA LYS A 5 7.46 0.40 -19.30
C LYS A 5 8.97 0.17 -19.29
N SER A 6 9.45 -0.42 -18.21
CA SER A 6 10.88 -0.69 -18.05
C SER A 6 11.14 -2.18 -18.21
N ILE A 7 12.10 -2.51 -19.07
CA ILE A 7 12.57 -3.87 -19.25
C ILE A 7 14.03 -3.89 -18.83
N LYS A 8 14.34 -4.58 -17.74
CA LYS A 8 15.70 -4.64 -17.22
C LYS A 8 16.46 -5.74 -17.94
N VAL A 9 17.61 -5.37 -18.50
CA VAL A 9 18.41 -6.24 -19.35
C VAL A 9 19.77 -6.46 -18.71
N LYS A 10 20.27 -7.70 -18.80
CA LYS A 10 21.56 -8.05 -18.23
C LYS A 10 22.60 -8.13 -19.34
N LEU A 11 23.79 -7.61 -19.05
CA LEU A 11 24.88 -7.55 -20.02
C LEU A 11 25.86 -8.70 -19.78
N ARG A 12 26.15 -9.46 -20.84
CA ARG A 12 27.16 -10.50 -20.79
C ARG A 12 28.53 -9.84 -20.89
N LEU A 13 29.18 -9.63 -19.73
CA LEU A 13 30.49 -9.00 -19.67
C LEU A 13 31.58 -9.99 -19.30
N ASP A 14 31.35 -11.29 -19.50
CA ASP A 14 32.34 -12.29 -19.11
C ASP A 14 33.58 -12.23 -20.00
N ASP A 15 33.39 -12.03 -21.31
CA ASP A 15 34.50 -12.05 -22.27
C ASP A 15 35.20 -10.71 -22.40
N MSE A 16 34.78 -9.70 -21.64
CA MSE A 16 35.40 -8.38 -21.75
C MSE A 16 35.37 -7.63 -20.42
O MSE A 16 34.54 -6.76 -20.19
CB MSE A 16 34.68 -7.55 -22.83
CG MSE A 16 33.18 -7.71 -22.82
SE MSE A 16 32.32 -6.78 -24.30
CE MSE A 16 30.48 -7.09 -23.76
N PRO A 17 36.32 -7.97 -19.54
CA PRO A 17 36.36 -7.31 -18.21
C PRO A 17 36.77 -5.85 -18.27
N GLU A 18 37.49 -5.43 -19.31
CA GLU A 18 37.90 -4.03 -19.42
C GLU A 18 36.70 -3.10 -19.55
N ILE A 19 35.58 -3.59 -20.05
CA ILE A 19 34.37 -2.79 -20.16
C ILE A 19 33.54 -2.86 -18.88
N ARG A 20 33.53 -4.02 -18.21
CA ARG A 20 32.87 -4.12 -16.91
C ARG A 20 33.49 -3.15 -15.91
N ALA A 21 34.83 -3.04 -15.91
CA ALA A 21 35.48 -2.07 -15.03
C ALA A 21 35.19 -0.64 -15.47
N GLY A 22 35.00 -0.42 -16.77
CA GLY A 22 34.65 0.91 -17.24
C GLY A 22 33.25 1.31 -16.83
N LEU A 23 32.32 0.36 -16.83
CA LEU A 23 30.96 0.65 -16.37
C LEU A 23 30.94 0.97 -14.88
N TRP A 24 31.72 0.24 -14.09
CA TRP A 24 31.79 0.53 -12.66
C TRP A 24 32.47 1.86 -12.40
N LYS A 25 33.56 2.15 -13.14
CA LYS A 25 34.20 3.45 -13.03
C LYS A 25 33.25 4.56 -13.45
N LEU A 26 32.48 4.33 -14.53
CA LEU A 26 31.49 5.31 -14.96
C LEU A 26 30.43 5.52 -13.90
N HIS A 27 30.07 4.46 -13.18
CA HIS A 27 29.08 4.58 -12.11
C HIS A 27 29.63 5.42 -10.96
N LYS A 28 30.90 5.22 -10.60
CA LYS A 28 31.49 6.02 -9.53
C LYS A 28 31.66 7.47 -9.95
N GLU A 29 31.96 7.72 -11.23
CA GLU A 29 32.16 9.09 -11.69
C GLU A 29 30.85 9.86 -11.70
N VAL A 30 29.76 9.25 -12.17
CA VAL A 30 28.49 9.95 -12.25
C VAL A 30 27.94 10.24 -10.86
N ASN A 31 28.11 9.30 -9.92
CA ASN A 31 27.69 9.55 -8.55
C ASN A 31 28.53 10.65 -7.91
N ALA A 32 29.84 10.66 -8.18
CA ALA A 32 30.70 11.71 -7.64
C ALA A 32 30.36 13.07 -8.23
N GLY A 33 30.03 13.10 -9.52
CA GLY A 33 29.65 14.36 -10.14
C GLY A 33 28.34 14.90 -9.60
N VAL A 34 27.34 14.03 -9.43
CA VAL A 34 26.07 14.45 -8.84
C VAL A 34 26.28 14.94 -7.41
N ARG A 35 27.14 14.26 -6.66
CA ARG A 35 27.43 14.68 -5.29
C ARG A 35 28.15 16.02 -5.26
N TYR A 36 28.97 16.32 -6.27
CA TYR A 36 29.66 17.60 -6.33
C TYR A 36 28.68 18.74 -6.54
N TYR A 37 27.77 18.59 -7.51
CA TYR A 37 26.82 19.67 -7.80
C TYR A 37 25.74 19.76 -6.73
N THR A 38 25.31 18.64 -6.17
CA THR A 38 24.32 18.68 -5.09
C THR A 38 24.88 19.39 -3.87
N GLU A 39 26.15 19.15 -3.55
CA GLU A 39 26.78 19.86 -2.45
C GLU A 39 26.90 21.35 -2.74
N TRP A 40 27.12 21.73 -4.01
CA TRP A 40 27.15 23.13 -4.37
C TRP A 40 25.79 23.78 -4.16
N LEU A 41 24.72 23.10 -4.55
CA LEU A 41 23.39 23.66 -4.41
C LEU A 41 23.02 23.85 -2.94
N SER A 42 23.46 22.94 -2.07
CA SER A 42 23.16 23.06 -0.65
C SER A 42 23.86 24.25 -0.03
N LEU A 43 24.99 24.68 -0.59
CA LEU A 43 25.68 25.85 -0.07
C LEU A 43 25.03 27.14 -0.55
N LEU A 44 24.58 27.17 -1.81
CA LEU A 44 23.85 28.33 -2.30
C LEU A 44 22.53 28.53 -1.55
N ARG A 45 21.92 27.43 -1.11
CA ARG A 45 20.69 27.50 -0.33
C ARG A 45 20.91 28.22 1.00
N GLN A 46 22.10 28.07 1.58
CA GLN A 46 22.49 28.64 2.87
C GLN A 46 21.34 28.62 3.88
N GLU A 47 20.78 27.42 4.08
CA GLU A 47 19.83 27.13 5.14
C GLU A 47 20.30 25.87 5.86
N ASN A 48 19.62 25.55 6.95
CA ASN A 48 20.01 24.40 7.75
C ASN A 48 19.79 23.09 7.00
N LEU A 49 20.74 22.18 7.14
CA LEU A 49 20.63 20.82 6.62
C LEU A 49 20.47 19.85 7.78
N TYR A 50 19.51 18.94 7.65
CA TYR A 50 19.22 17.95 8.68
C TYR A 50 19.48 16.55 8.15
N ARG A 51 19.97 15.68 9.02
CA ARG A 51 20.34 14.32 8.66
C ARG A 51 19.65 13.33 9.61
N ARG A 52 19.74 12.05 9.25
CA ARG A 52 19.20 10.99 10.08
C ARG A 52 19.96 10.92 11.40
N SER A 53 19.22 10.90 12.49
CA SER A 53 19.83 10.90 13.82
C SER A 53 20.39 9.53 14.15
N PRO A 54 21.69 9.39 14.39
CA PRO A 54 22.23 8.13 14.89
C PRO A 54 21.94 7.97 16.38
N ASN A 55 22.28 6.78 16.89
CA ASN A 55 22.07 6.46 18.30
C ASN A 55 20.60 6.62 18.70
N GLY A 56 19.70 6.31 17.77
CA GLY A 56 18.28 6.45 18.00
C GLY A 56 17.53 6.96 16.79
N ASP A 57 16.78 6.07 16.14
CA ASP A 57 16.03 6.44 14.95
C ASP A 57 14.71 7.08 15.34
N GLY A 58 14.41 8.23 14.75
CA GLY A 58 13.18 8.94 15.05
C GLY A 58 13.29 10.43 14.79
N GLU A 59 14.00 11.13 15.68
CA GLU A 59 14.23 12.56 15.52
C GLU A 59 15.34 12.78 14.49
N GLN A 60 15.78 14.02 14.35
CA GLN A 60 16.78 14.38 13.36
C GLN A 60 17.68 15.48 13.91
N GLU A 61 18.95 15.43 13.52
CA GLU A 61 19.96 16.38 13.99
C GLU A 61 20.26 17.39 12.91
N CYS A 62 21.10 18.36 13.24
CA CYS A 62 21.53 19.41 12.32
C CYS A 62 22.92 19.07 11.82
N ASP A 63 23.00 18.49 10.63
CA ASP A 63 24.30 18.12 10.06
C ASP A 63 25.15 19.36 9.78
N LYS A 64 24.53 20.41 9.24
CA LYS A 64 25.25 21.62 8.90
C LYS A 64 24.31 22.80 9.10
N THR A 65 24.70 23.74 9.95
CA THR A 65 23.86 24.89 10.23
C THR A 65 24.01 25.94 9.13
N ALA A 66 23.10 26.92 9.13
CA ALA A 66 23.10 27.94 8.09
C ALA A 66 24.38 28.76 8.11
N GLU A 67 24.88 29.09 9.31
CA GLU A 67 26.13 29.83 9.42
C GLU A 67 27.31 29.01 8.90
N GLU A 68 27.28 27.69 9.12
CA GLU A 68 28.30 26.83 8.54
C GLU A 68 28.24 26.85 7.02
N CYS A 69 27.03 26.87 6.46
CA CYS A 69 26.88 26.94 5.01
C CYS A 69 27.40 28.27 4.47
N LYS A 70 26.97 29.37 5.07
CA LYS A 70 27.40 30.69 4.60
C LYS A 70 28.90 30.86 4.74
N ALA A 71 29.49 30.32 5.81
CA ALA A 71 30.93 30.41 5.97
C ALA A 71 31.67 29.56 4.95
N GLU A 72 31.14 28.36 4.66
CA GLU A 72 31.77 27.52 3.64
C GLU A 72 31.47 28.02 2.25
N LEU A 73 30.28 28.59 2.03
CA LEU A 73 29.96 29.15 0.72
C LEU A 73 30.88 30.33 0.38
N LEU A 74 31.11 31.22 1.35
CA LEU A 74 31.99 32.36 1.10
C LEU A 74 33.43 31.92 0.85
N GLU A 75 33.87 30.83 1.50
CA GLU A 75 35.21 30.32 1.26
C GLU A 75 35.39 29.90 -0.20
N ARG A 76 34.36 29.27 -0.77
CA ARG A 76 34.44 28.86 -2.17
C ARG A 76 34.35 30.06 -3.11
N LEU A 77 33.47 31.02 -2.79
CA LEU A 77 33.31 32.18 -3.66
C LEU A 77 34.57 33.04 -3.70
N ARG A 78 35.18 33.27 -2.53
CA ARG A 78 36.42 34.06 -2.50
C ARG A 78 37.54 33.32 -3.22
N ALA A 79 37.67 32.02 -2.99
CA ALA A 79 38.71 31.24 -3.68
C ALA A 79 38.45 31.17 -5.18
N ARG A 80 37.18 31.23 -5.59
CA ARG A 80 36.87 31.25 -7.02
C ARG A 80 37.23 32.60 -7.63
N GLN A 81 37.00 33.70 -6.90
CA GLN A 81 37.43 35.00 -7.38
C GLN A 81 38.94 35.04 -7.60
N VAL A 82 39.69 34.41 -6.70
CA VAL A 82 41.14 34.34 -6.88
C VAL A 82 41.50 33.45 -8.06
N GLU A 83 40.76 32.36 -8.24
CA GLU A 83 41.07 31.42 -9.32
C GLU A 83 40.77 32.04 -10.68
N ASN A 84 39.73 32.85 -10.78
CA ASN A 84 39.41 33.55 -12.01
C ASN A 84 40.27 34.79 -12.22
N GLY A 85 41.15 35.11 -11.27
CA GLY A 85 41.99 36.29 -11.39
C GLY A 85 41.20 37.58 -11.42
N HIS A 86 40.23 37.71 -10.52
CA HIS A 86 39.34 38.86 -10.53
C HIS A 86 40.07 40.10 -10.04
N ARG A 87 40.08 41.14 -10.88
CA ARG A 87 40.68 42.42 -10.52
C ARG A 87 39.66 43.49 -10.20
N GLY A 88 38.39 43.29 -10.54
CA GLY A 88 37.36 44.27 -10.28
C GLY A 88 36.90 44.24 -8.83
N PRO A 89 35.64 44.62 -8.59
CA PRO A 89 35.13 44.63 -7.21
C PRO A 89 34.92 43.22 -6.70
N ALA A 90 35.29 43.03 -5.42
CA ALA A 90 35.13 41.72 -4.78
C ALA A 90 33.77 41.53 -4.15
N GLY A 91 33.07 42.62 -3.82
CA GLY A 91 31.76 42.53 -3.22
C GLY A 91 31.79 42.12 -1.75
N SER A 92 30.89 42.69 -0.96
CA SER A 92 30.84 42.35 0.45
C SER A 92 30.29 40.93 0.62
N ASP A 93 30.39 40.42 1.86
CA ASP A 93 29.89 39.09 2.15
C ASP A 93 28.37 39.02 1.96
N ASP A 94 27.66 40.07 2.38
CA ASP A 94 26.21 40.06 2.28
C ASP A 94 25.76 40.11 0.82
N GLU A 95 26.49 40.86 -0.03
CA GLU A 95 26.14 40.90 -1.44
C GLU A 95 26.32 39.54 -2.09
N LEU A 96 27.42 38.86 -1.79
CA LEU A 96 27.67 37.54 -2.36
C LEU A 96 26.67 36.50 -1.86
N LEU A 97 26.23 36.62 -0.60
CA LEU A 97 25.25 35.67 -0.07
C LEU A 97 23.89 35.87 -0.71
N GLN A 98 23.51 37.12 -0.98
CA GLN A 98 22.23 37.38 -1.62
C GLN A 98 22.25 36.96 -3.09
N LEU A 99 23.37 37.20 -3.78
CA LEU A 99 23.49 36.75 -5.16
C LEU A 99 23.42 35.22 -5.25
N ALA A 100 24.09 34.52 -4.33
CA ALA A 100 24.05 33.07 -4.33
C ALA A 100 22.64 32.55 -4.05
N ARG A 101 21.94 33.19 -3.12
CA ARG A 101 20.57 32.78 -2.81
C ARG A 101 19.64 33.04 -4.00
N GLN A 102 19.83 34.15 -4.70
CA GLN A 102 19.06 34.41 -5.91
C GLN A 102 19.28 33.32 -6.95
N LEU A 103 20.54 32.95 -7.17
CA LEU A 103 20.85 31.89 -8.14
C LEU A 103 20.25 30.56 -7.72
N TYR A 104 20.25 30.28 -6.41
CA TYR A 104 19.68 29.02 -5.93
C TYR A 104 18.19 28.94 -6.21
N GLU A 105 17.47 30.05 -5.99
CA GLU A 105 16.03 30.07 -6.23
C GLU A 105 15.69 30.02 -7.71
N LEU A 106 16.65 30.35 -8.59
CA LEU A 106 16.45 30.12 -10.01
C LEU A 106 16.72 28.68 -10.39
N LEU A 107 17.68 28.04 -9.72
CA LEU A 107 17.99 26.64 -10.00
C LEU A 107 16.98 25.69 -9.36
N VAL A 108 16.50 26.02 -8.17
CA VAL A 108 15.48 25.22 -7.49
C VAL A 108 14.32 26.14 -7.12
N PRO A 109 13.41 26.44 -8.05
CA PRO A 109 12.28 27.32 -7.71
C PRO A 109 11.36 26.76 -6.64
N GLN A 110 11.41 25.45 -6.37
CA GLN A 110 10.59 24.87 -5.31
C GLN A 110 10.96 25.39 -3.93
N ALA A 111 12.14 26.00 -3.79
CA ALA A 111 12.54 26.56 -2.50
C ALA A 111 11.60 27.66 -2.06
N ILE A 112 11.14 28.49 -3.01
CA ILE A 112 10.20 29.57 -2.70
C ILE A 112 8.76 29.18 -3.03
N GLY A 113 8.52 27.95 -3.45
CA GLY A 113 7.18 27.48 -3.75
C GLY A 113 6.81 27.47 -5.22
N ALA A 114 7.70 27.92 -6.10
CA ALA A 114 7.39 27.96 -7.52
C ALA A 114 7.59 26.57 -8.14
N LYS A 115 7.30 26.47 -9.44
CA LYS A 115 7.52 25.25 -10.18
C LYS A 115 8.82 25.34 -10.98
N GLY A 116 9.40 24.18 -11.28
CA GLY A 116 10.64 24.14 -12.02
C GLY A 116 10.78 22.92 -12.89
N ASP A 117 11.28 23.11 -14.10
CA ASP A 117 11.55 22.02 -15.03
C ASP A 117 13.01 21.61 -14.88
N ALA A 118 13.25 20.42 -14.32
CA ALA A 118 14.63 19.98 -14.11
C ALA A 118 15.39 19.84 -15.42
N GLN A 119 14.71 19.45 -16.49
CA GLN A 119 15.37 19.34 -17.80
C GLN A 119 15.88 20.70 -18.27
N GLN A 120 15.02 21.72 -18.22
CA GLN A 120 15.35 23.00 -18.82
C GLN A 120 16.19 23.88 -17.91
N ILE A 121 16.10 23.70 -16.59
CA ILE A 121 16.93 24.48 -15.68
C ILE A 121 18.39 24.04 -15.80
N ALA A 122 18.64 22.73 -15.85
CA ALA A 122 20.00 22.24 -15.96
C ALA A 122 20.62 22.57 -17.31
N ARG A 123 19.82 22.53 -18.38
CA ARG A 123 20.32 22.91 -19.69
C ARG A 123 20.63 24.39 -19.76
N LYS A 124 19.92 25.22 -18.99
CA LYS A 124 20.04 26.67 -19.10
C LYS A 124 21.25 27.21 -18.34
N PHE A 125 21.67 26.54 -17.27
CA PHE A 125 22.61 27.13 -16.33
C PHE A 125 23.98 26.46 -16.29
N LEU A 126 24.11 25.21 -16.75
CA LEU A 126 25.38 24.50 -16.55
C LEU A 126 26.53 25.22 -17.25
N SER A 127 26.35 25.57 -18.52
CA SER A 127 27.41 26.31 -19.21
C SER A 127 27.61 27.71 -18.64
N PRO A 128 26.56 28.52 -18.43
CA PRO A 128 26.80 29.85 -17.83
C PRO A 128 27.47 29.80 -16.47
N LEU A 129 27.32 28.70 -15.72
CA LEU A 129 27.94 28.60 -14.41
C LEU A 129 29.28 27.88 -14.43
N ALA A 130 29.60 27.16 -15.51
CA ALA A 130 30.84 26.41 -15.58
C ALA A 130 31.70 26.70 -16.81
N ASP A 131 31.11 27.16 -17.91
CA ASP A 131 31.89 27.50 -19.09
C ASP A 131 32.46 28.91 -18.94
N LYS A 132 33.78 29.04 -19.12
CA LYS A 132 34.44 30.33 -18.95
C LYS A 132 33.96 31.34 -19.99
N ASP A 133 33.63 30.88 -21.19
CA ASP A 133 33.25 31.74 -22.30
C ASP A 133 31.78 31.59 -22.67
N ALA A 134 30.94 31.17 -21.72
CA ALA A 134 29.54 30.94 -22.02
C ALA A 134 28.78 32.26 -22.20
N VAL A 135 27.83 32.25 -23.13
CA VAL A 135 26.94 33.38 -23.36
C VAL A 135 25.49 33.03 -23.11
N GLY A 136 25.20 31.78 -22.73
CA GLY A 136 23.83 31.39 -22.47
C GLY A 136 23.24 32.06 -21.24
N GLY A 137 21.92 32.00 -21.15
CA GLY A 137 21.14 32.72 -20.15
C GLY A 137 20.90 34.19 -20.44
N LEU A 138 21.86 34.82 -21.11
CA LEU A 138 21.72 36.20 -21.55
C LEU A 138 20.82 36.23 -22.78
N GLY A 139 20.69 37.40 -23.40
CA GLY A 139 19.88 37.51 -24.60
C GLY A 139 20.69 37.74 -25.85
N ILE A 140 21.90 37.16 -25.88
CA ILE A 140 22.84 37.39 -26.97
C ILE A 140 22.78 36.27 -28.01
N ALA A 141 22.69 35.02 -27.56
CA ALA A 141 22.78 33.89 -28.47
C ALA A 141 21.61 33.86 -29.44
N LYS A 142 21.91 33.57 -30.70
CA LYS A 142 20.90 33.45 -31.74
C LYS A 142 20.45 32.01 -31.94
N ALA A 143 21.20 31.05 -31.41
CA ALA A 143 20.87 29.63 -31.55
C ALA A 143 19.72 29.25 -30.62
N GLY A 144 19.39 27.97 -30.60
CA GLY A 144 18.32 27.46 -29.77
C GLY A 144 17.03 27.26 -30.56
N ASN A 145 16.14 26.46 -29.97
CA ASN A 145 14.85 26.21 -30.61
C ASN A 145 14.04 27.49 -30.72
N LYS A 146 13.36 27.65 -31.84
CA LYS A 146 12.62 28.88 -32.08
C LYS A 146 11.46 29.00 -31.08
N PRO A 147 11.12 30.22 -30.65
CA PRO A 147 10.02 30.38 -29.70
C PRO A 147 8.70 29.89 -30.29
N ARG A 148 7.71 29.74 -29.41
CA ARG A 148 6.42 29.20 -29.83
C ARG A 148 5.70 30.16 -30.77
N TRP A 149 5.93 31.46 -30.64
CA TRP A 149 5.30 32.42 -31.56
C TRP A 149 5.96 32.42 -32.93
N VAL A 150 7.22 32.00 -33.03
CA VAL A 150 7.86 31.89 -34.34
C VAL A 150 7.34 30.66 -35.09
N ARG A 151 7.01 29.59 -34.36
CA ARG A 151 6.45 28.40 -35.01
C ARG A 151 5.07 28.69 -35.59
N MSE A 152 4.27 29.47 -34.87
CA MSE A 152 2.93 29.83 -35.34
C MSE A 152 3.01 30.78 -36.53
O MSE A 152 2.24 30.66 -37.48
CB MSE A 152 2.13 30.48 -34.20
CG MSE A 152 1.99 29.62 -32.96
SE MSE A 152 1.13 30.58 -31.51
CE MSE A 152 1.22 29.21 -30.12
N ARG A 153 3.94 31.73 -36.45
CA ARG A 153 4.09 32.73 -37.51
C ARG A 153 4.39 32.06 -38.85
N GLU A 154 5.18 30.98 -38.83
CA GLU A 154 5.54 30.29 -40.06
C GLU A 154 4.43 29.36 -40.53
N ALA A 155 3.66 28.79 -39.60
CA ALA A 155 2.56 27.90 -39.94
C ALA A 155 1.64 27.67 -38.74
N GLY A 156 0.39 28.15 -38.84
CA GLY A 156 -0.56 27.96 -37.77
C GLY A 156 -0.95 29.25 -37.07
N GLU A 157 -0.97 30.34 -37.82
CA GLU A 157 -1.26 31.67 -37.27
C GLU A 157 -2.69 31.74 -36.73
N TRP A 160 -0.34 34.18 -32.89
CA TRP A 160 0.79 35.06 -33.14
C TRP A 160 0.75 36.28 -32.21
N GLU A 161 -0.39 37.00 -32.24
CA GLU A 161 -0.47 38.27 -31.54
C GLU A 161 -0.31 38.10 -30.03
N GLU A 162 -0.96 37.08 -29.46
CA GLU A 162 -0.89 36.90 -28.01
C GLU A 162 0.36 36.15 -27.58
N GLU A 163 0.91 35.29 -28.44
CA GLU A 163 2.05 34.47 -28.03
C GLU A 163 3.35 35.25 -28.07
N LYS A 164 3.46 36.27 -28.92
CA LYS A 164 4.64 37.12 -28.89
C LYS A 164 4.62 38.05 -27.68
N GLU A 165 3.43 38.36 -27.17
CA GLU A 165 3.33 39.16 -25.95
C GLU A 165 3.77 38.36 -24.73
N LYS A 166 3.43 37.07 -24.68
CA LYS A 166 3.75 36.25 -23.52
C LYS A 166 5.25 36.02 -23.40
N ALA A 167 5.98 36.06 -24.52
CA ALA A 167 7.43 35.93 -24.45
C ALA A 167 8.06 37.15 -23.81
N GLU A 168 7.53 38.33 -24.09
CA GLU A 168 8.08 39.56 -23.53
C GLU A 168 7.79 39.68 -22.04
N THR A 169 6.52 39.50 -21.65
CA THR A 169 6.14 39.66 -20.26
C THR A 169 6.72 38.58 -19.36
N ARG A 170 7.11 37.44 -19.94
CA ARG A 170 7.86 36.42 -19.20
C ARG A 170 9.35 36.71 -19.18
N LYS A 171 9.89 37.33 -20.23
CA LYS A 171 11.29 37.71 -20.24
C LYS A 171 11.56 38.89 -19.30
N SER A 172 10.55 39.74 -19.08
CA SER A 172 10.73 40.86 -18.15
C SER A 172 10.91 40.36 -16.72
N ALA A 173 10.15 39.36 -16.32
CA ALA A 173 10.25 38.78 -14.98
C ALA A 173 11.30 37.68 -14.88
N ASP A 174 12.23 37.62 -15.84
CA ASP A 174 13.27 36.60 -15.86
C ASP A 174 14.56 37.26 -15.38
N ARG A 175 14.95 36.97 -14.14
CA ARG A 175 16.14 37.55 -13.52
C ARG A 175 17.41 36.77 -13.84
N THR A 176 17.37 35.85 -14.81
CA THR A 176 18.56 35.06 -15.12
C THR A 176 19.67 35.93 -15.71
N ALA A 177 19.33 36.84 -16.60
CA ALA A 177 20.34 37.66 -17.27
C ALA A 177 21.04 38.58 -16.27
N ASP A 178 20.32 39.09 -15.28
CA ASP A 178 20.92 40.00 -14.31
C ASP A 178 21.76 39.26 -13.27
N VAL A 179 21.31 38.07 -12.86
CA VAL A 179 22.09 37.28 -11.91
C VAL A 179 23.40 36.82 -12.55
N LEU A 180 23.33 36.38 -13.81
CA LEU A 180 24.56 35.98 -14.51
C LEU A 180 25.49 37.16 -14.70
N ARG A 181 24.95 38.33 -15.01
CA ARG A 181 25.79 39.52 -15.11
C ARG A 181 26.30 39.97 -13.75
N ALA A 182 25.52 39.75 -12.69
CA ALA A 182 26.01 40.07 -11.35
C ALA A 182 27.12 39.11 -10.93
N LEU A 183 27.01 37.84 -11.30
CA LEU A 183 28.09 36.90 -11.03
C LEU A 183 29.34 37.25 -11.83
N ALA A 184 29.16 37.75 -13.05
CA ALA A 184 30.32 38.12 -13.88
C ALA A 184 31.06 39.31 -13.30
N ASP A 185 30.33 40.31 -12.79
CA ASP A 185 30.96 41.49 -12.22
C ASP A 185 31.68 41.20 -10.91
N PHE A 186 31.44 40.05 -10.28
CA PHE A 186 32.09 39.67 -9.04
C PHE A 186 33.19 38.63 -9.26
N GLY A 187 33.65 38.46 -10.49
CA GLY A 187 34.69 37.49 -10.77
C GLY A 187 34.27 36.05 -10.63
N LEU A 188 32.96 35.78 -10.68
CA LEU A 188 32.44 34.43 -10.57
C LEU A 188 31.85 33.95 -11.91
N LYS A 189 32.37 34.46 -13.02
CA LYS A 189 31.85 34.05 -14.32
C LYS A 189 31.93 32.54 -14.52
N PRO A 190 33.02 31.84 -14.17
CA PRO A 190 32.90 30.41 -13.91
C PRO A 190 32.64 30.19 -12.42
N LEU A 191 31.40 29.91 -12.04
CA LEU A 191 31.10 29.68 -10.63
C LEU A 191 31.64 28.33 -10.18
N MSE A 192 31.16 27.26 -10.80
CA MSE A 192 31.59 25.91 -10.44
C MSE A 192 32.53 25.35 -11.51
O MSE A 192 32.91 26.06 -12.44
CB MSE A 192 30.37 24.99 -10.28
CG MSE A 192 29.32 25.56 -9.35
SE MSE A 192 27.59 24.70 -9.57
CE MSE A 192 26.54 25.82 -8.36
N ARG A 193 32.90 24.08 -11.36
CA ARG A 193 33.81 23.43 -12.28
C ARG A 193 33.07 22.36 -13.07
N VAL A 194 33.42 22.20 -14.33
CA VAL A 194 32.99 21.04 -15.10
C VAL A 194 33.66 19.81 -14.50
N TYR A 195 32.87 18.84 -14.06
CA TYR A 195 33.41 17.73 -13.28
C TYR A 195 34.45 16.95 -14.06
N THR A 196 34.12 16.58 -15.30
CA THR A 196 35.05 15.77 -16.09
C THR A 196 36.32 16.54 -16.41
N ASP A 197 36.24 17.86 -16.52
CA ASP A 197 37.43 18.69 -16.74
C ASP A 197 37.84 19.39 -15.44
N SER A 198 38.20 18.57 -14.46
CA SER A 198 38.68 19.06 -13.17
C SER A 198 39.51 17.96 -12.52
N GLU A 199 40.22 18.34 -11.45
CA GLU A 199 41.07 17.40 -10.74
C GLU A 199 40.31 16.30 -10.01
N MSE A 200 38.98 16.35 -10.01
CA MSE A 200 38.17 15.36 -9.29
C MSE A 200 38.10 14.01 -10.00
O MSE A 200 37.97 12.97 -9.34
CB MSE A 200 36.76 15.91 -9.08
CG MSE A 200 36.56 16.63 -7.76
SE MSE A 200 35.00 17.79 -7.74
CE MSE A 200 35.77 19.32 -8.66
N SER A 201 38.20 14.02 -11.32
CA SER A 201 38.08 12.81 -12.12
C SER A 201 39.45 12.40 -12.64
N SER A 202 39.78 11.11 -12.49
CA SER A 202 41.01 10.55 -13.00
C SER A 202 40.84 9.87 -14.35
N VAL A 203 39.66 9.93 -14.94
CA VAL A 203 39.39 9.30 -16.22
C VAL A 203 40.00 10.15 -17.33
N GLU A 204 40.69 9.50 -18.27
CA GLU A 204 41.25 10.17 -19.43
C GLU A 204 40.15 10.34 -20.46
N TRP A 205 39.39 11.42 -20.33
CA TRP A 205 38.29 11.68 -21.24
C TRP A 205 38.81 12.05 -22.62
N LYS A 206 37.92 11.93 -23.62
CA LYS A 206 38.23 12.40 -24.95
C LYS A 206 38.53 13.90 -24.90
N PRO A 207 39.55 14.38 -25.61
CA PRO A 207 39.90 15.81 -25.56
C PRO A 207 38.72 16.69 -25.97
N LEU A 208 38.62 17.83 -25.31
CA LEU A 208 37.53 18.76 -25.57
C LEU A 208 37.68 19.38 -26.95
N ARG A 209 36.54 19.53 -27.65
CA ARG A 209 36.53 20.23 -28.92
C ARG A 209 36.83 21.71 -28.72
N LYS A 210 37.00 22.41 -29.84
CA LYS A 210 37.12 23.86 -29.78
C LYS A 210 35.79 24.48 -29.38
N GLY A 211 35.84 25.45 -28.46
CA GLY A 211 34.62 26.04 -27.95
C GLY A 211 33.79 25.14 -27.07
N GLN A 212 34.33 24.01 -26.64
CA GLN A 212 33.64 23.08 -25.76
C GLN A 212 34.28 23.11 -24.38
N ALA A 213 33.44 23.17 -23.34
CA ALA A 213 33.90 23.05 -21.98
C ALA A 213 33.12 22.05 -21.15
N VAL A 214 31.95 21.60 -21.61
CA VAL A 214 31.10 20.67 -20.89
C VAL A 214 30.87 19.44 -21.75
N ARG A 215 31.06 18.27 -21.15
CA ARG A 215 30.78 17.01 -21.84
C ARG A 215 29.35 16.56 -21.54
N THR A 216 28.87 15.59 -22.33
CA THR A 216 27.52 15.07 -22.12
C THR A 216 27.39 14.39 -20.77
N TRP A 217 28.48 13.80 -20.26
CA TRP A 217 28.45 13.18 -18.94
C TRP A 217 28.13 14.21 -17.86
N ASP A 218 28.72 15.41 -17.96
CA ASP A 218 28.47 16.45 -16.97
C ASP A 218 27.03 16.92 -17.00
N ARG A 219 26.41 16.96 -18.18
CA ARG A 219 25.02 17.40 -18.26
C ARG A 219 24.07 16.37 -17.64
N ASP A 220 24.44 15.09 -17.70
CA ASP A 220 23.66 14.08 -16.98
C ASP A 220 23.77 14.28 -15.48
N MSE A 221 24.98 14.53 -14.99
CA MSE A 221 25.22 14.73 -13.56
C MSE A 221 24.50 15.96 -13.03
O MSE A 221 23.91 15.93 -11.94
CB MSE A 221 26.73 14.87 -13.30
CG MSE A 221 27.55 13.70 -13.77
SE MSE A 221 29.46 14.13 -13.77
CE MSE A 221 30.15 12.43 -14.45
N PHE A 222 24.55 17.06 -13.78
CA PHE A 222 23.98 18.31 -13.30
C PHE A 222 22.45 18.23 -13.23
N GLN A 223 21.83 17.52 -14.18
CA GLN A 223 20.38 17.41 -14.17
C GLN A 223 19.91 16.58 -12.97
N GLN A 224 20.53 15.43 -12.73
CA GLN A 224 20.16 14.60 -11.60
C GLN A 224 20.37 15.31 -10.27
N ALA A 225 21.29 16.28 -10.22
CA ALA A 225 21.46 17.06 -9.00
C ALA A 225 20.30 18.03 -8.80
N ILE A 226 19.79 18.61 -9.89
CA ILE A 226 18.66 19.52 -9.79
C ILE A 226 17.39 18.76 -9.41
N GLU A 227 17.22 17.56 -9.95
CA GLU A 227 16.02 16.77 -9.66
C GLU A 227 15.91 16.48 -8.17
N ARG A 228 16.91 15.79 -7.61
CA ARG A 228 16.86 15.43 -6.19
C ARG A 228 16.78 16.66 -5.30
N MSE A 229 17.26 17.80 -5.78
CA MSE A 229 17.21 19.04 -5.02
C MSE A 229 15.80 19.61 -5.01
O MSE A 229 15.33 20.11 -3.99
CB MSE A 229 18.19 20.06 -5.60
CG MSE A 229 18.67 21.08 -4.59
SE MSE A 229 19.61 20.24 -3.11
CE MSE A 229 20.02 21.85 -2.07
N MSE A 230 15.13 19.53 -6.15
CA MSE A 230 13.77 20.04 -6.29
C MSE A 230 12.77 19.26 -5.45
O MSE A 230 12.00 19.84 -4.68
CB MSE A 230 13.34 20.04 -7.75
CG MSE A 230 13.95 21.15 -8.60
SE MSE A 230 13.41 21.04 -10.46
CE MSE A 230 14.01 22.80 -11.05
N SER A 231 12.79 17.93 -5.59
CA SER A 231 11.85 17.09 -4.87
C SER A 231 12.07 17.21 -3.36
N TRP A 232 13.32 17.35 -2.93
CA TRP A 232 13.60 17.51 -1.51
C TRP A 232 13.11 18.86 -1.00
N GLU A 233 13.31 19.92 -1.79
CA GLU A 233 12.79 21.24 -1.40
C GLU A 233 11.27 21.23 -1.37
N SER A 234 10.64 20.51 -2.30
CA SER A 234 9.18 20.36 -2.26
C SER A 234 8.73 19.68 -0.97
N TRP A 235 9.55 18.78 -0.43
CA TRP A 235 9.20 18.13 0.83
C TRP A 235 9.49 19.01 2.03
N ASN A 236 10.52 19.85 1.96
CA ASN A 236 10.74 20.84 3.02
C ASN A 236 9.52 21.72 3.19
N GLN A 237 8.94 22.19 2.08
CA GLN A 237 7.73 22.99 2.16
C GLN A 237 6.54 22.15 2.61
N ARG A 238 6.48 20.89 2.17
CA ARG A 238 5.33 20.05 2.51
C ARG A 238 5.36 19.63 3.97
N VAL A 239 6.54 19.28 4.49
CA VAL A 239 6.65 18.89 5.89
C VAL A 239 6.36 20.07 6.81
N GLY A 240 6.86 21.26 6.44
CA GLY A 240 6.59 22.43 7.26
C GLY A 240 5.12 22.80 7.30
N GLN A 241 4.43 22.68 6.16
CA GLN A 241 3.00 22.96 6.12
C GLN A 241 2.22 21.95 6.96
N GLU A 242 2.53 20.66 6.79
CA GLU A 242 1.80 19.63 7.52
C GLU A 242 2.10 19.67 9.01
N TYR A 243 3.29 20.15 9.40
CA TYR A 243 3.57 20.32 10.82
C TYR A 243 2.80 21.51 11.38
N ALA A 244 2.67 22.58 10.60
CA ALA A 244 1.93 23.75 11.06
C ALA A 244 0.43 23.43 11.21
N LYS A 245 -0.11 22.63 10.29
CA LYS A 245 -1.51 22.23 10.39
C LYS A 245 -1.74 21.34 11.60
N LEU A 246 -0.72 20.61 12.04
CA LEU A 246 -0.85 19.80 13.26
C LEU A 246 -0.97 20.70 14.49
N VAL A 247 -0.15 21.74 14.58
CA VAL A 247 -0.23 22.66 15.71
C VAL A 247 -1.58 23.36 15.73
N GLU A 248 -2.12 23.67 14.54
CA GLU A 248 -3.45 24.25 14.47
C GLU A 248 -4.52 23.23 14.84
N GLN A 249 -4.33 21.97 14.43
CA GLN A 249 -5.27 20.92 14.82
C GLN A 249 -5.31 20.76 16.34
N LYS A 250 -4.16 20.89 17.00
CA LYS A 250 -4.12 20.74 18.45
C LYS A 250 -4.88 21.86 19.14
N ASN A 251 -4.65 23.10 18.74
CA ASN A 251 -5.26 24.24 19.41
C ASN A 251 -6.73 24.40 19.02
N ARG A 252 -7.07 24.13 17.75
CA ARG A 252 -8.47 24.18 17.32
C ARG A 252 -9.30 23.01 17.83
N PHE A 253 -8.70 22.07 18.58
CA PHE A 253 -9.41 20.91 19.08
C PHE A 253 -9.83 21.06 20.54
N GLU A 254 -8.94 21.59 21.39
CA GLU A 254 -9.26 21.74 22.81
C GLU A 254 -10.47 22.65 22.99
N GLN A 255 -10.45 23.82 22.34
CA GLN A 255 -11.51 24.81 22.47
C GLN A 255 -12.60 24.63 21.42
N LYS A 256 -12.83 23.40 20.97
CA LYS A 256 -13.95 23.07 20.09
C LYS A 256 -14.58 21.73 20.41
N ASN A 257 -14.04 20.97 21.36
CA ASN A 257 -14.57 19.66 21.72
C ASN A 257 -15.02 19.61 23.17
N PHE A 258 -14.16 19.99 24.12
CA PHE A 258 -14.47 19.97 25.54
C PHE A 258 -14.17 21.34 26.15
N VAL A 259 -14.99 22.33 25.79
CA VAL A 259 -14.83 23.66 26.35
C VAL A 259 -15.39 23.72 27.77
N GLY A 260 -16.63 23.29 27.94
CA GLY A 260 -17.26 23.22 29.25
C GLY A 260 -17.01 21.94 30.00
N GLN A 261 -16.11 21.09 29.51
CA GLN A 261 -15.81 19.81 30.15
C GLN A 261 -14.37 19.80 30.66
N GLU A 262 -13.97 20.86 31.35
CA GLU A 262 -12.58 21.01 31.76
C GLU A 262 -12.20 20.10 32.92
N HIS A 263 -13.14 19.79 33.81
CA HIS A 263 -12.82 18.95 34.96
C HIS A 263 -12.54 17.52 34.56
N LEU A 264 -13.13 17.04 33.46
CA LEU A 264 -12.83 15.69 33.00
C LEU A 264 -11.42 15.58 32.45
N VAL A 265 -10.92 16.64 31.83
CA VAL A 265 -9.56 16.63 31.30
C VAL A 265 -8.54 16.51 32.43
N HIS A 266 -8.81 17.18 33.55
CA HIS A 266 -7.92 17.05 34.72
C HIS A 266 -8.01 15.66 35.33
N LEU A 267 -9.17 15.01 35.25
CA LEU A 267 -9.34 13.69 35.85
C LEU A 267 -8.65 12.61 35.03
N VAL A 268 -8.78 12.67 33.69
CA VAL A 268 -8.11 11.67 32.85
C VAL A 268 -6.60 11.85 32.90
N ASN A 269 -6.13 13.07 33.17
CA ASN A 269 -4.69 13.27 33.36
C ASN A 269 -4.21 12.58 34.62
N GLN A 270 -4.99 12.64 35.70
CA GLN A 270 -4.68 11.86 36.89
C GLN A 270 -4.70 10.36 36.57
N LEU A 271 -5.64 9.94 35.72
CA LEU A 271 -5.71 8.54 35.32
C LEU A 271 -4.46 8.14 34.55
N GLN A 272 -4.06 8.95 33.57
CA GLN A 272 -2.93 8.59 32.72
C GLN A 272 -1.62 8.56 33.51
N GLN A 273 -1.53 9.31 34.60
CA GLN A 273 -0.36 9.24 35.47
C GLN A 273 -0.54 8.25 36.61
N ASP A 274 -1.78 7.88 36.93
CA ASP A 274 -2.02 6.81 37.91
C ASP A 274 -1.44 5.50 37.40
N MSE A 275 -1.79 5.11 36.17
CA MSE A 275 -1.32 3.87 35.58
C MSE A 275 0.15 3.98 35.18
O MSE A 275 0.83 2.97 35.04
CB MSE A 275 -2.17 3.50 34.36
CG MSE A 275 -3.67 3.54 34.64
SE MSE A 275 -4.75 3.31 33.03
CE MSE A 275 -4.37 1.44 32.66
N LYS A 276 0.62 5.22 35.01
CA LYS A 276 2.02 5.44 34.69
C LYS A 276 2.92 5.00 35.84
N GLU A 277 2.49 5.25 37.07
CA GLU A 277 3.28 4.87 38.24
C GLU A 277 3.06 3.40 38.60
N ALA A 278 1.81 2.95 38.60
CA ALA A 278 1.47 1.57 38.96
C ALA A 278 1.70 0.59 37.82
N SER A 279 2.56 0.92 36.86
CA SER A 279 2.82 0.04 35.72
C SER A 279 4.03 -0.83 36.02
N PRO A 280 3.89 -2.14 36.10
CA PRO A 280 5.07 -3.03 36.27
C PRO A 280 5.89 -3.21 35.00
N GLY A 281 5.55 -2.53 33.91
CA GLY A 281 6.29 -2.65 32.68
C GLY A 281 7.55 -1.81 32.68
N LEU A 282 8.04 -1.52 31.48
CA LEU A 282 9.25 -0.73 31.34
C LEU A 282 9.01 0.72 31.72
N GLU A 283 10.08 1.41 32.13
CA GLU A 283 9.97 2.80 32.52
C GLU A 283 9.63 3.66 31.32
N SER A 284 8.73 4.62 31.53
CA SER A 284 8.23 5.46 30.44
C SER A 284 9.26 6.51 30.03
N LYS A 285 9.28 6.82 28.73
CA LYS A 285 10.19 7.84 28.20
C LYS A 285 9.43 8.78 27.28
N GLU A 286 8.40 8.28 26.60
CA GLU A 286 7.59 9.12 25.74
C GLU A 286 6.73 10.07 26.57
N GLN A 287 6.46 11.25 26.01
CA GLN A 287 5.59 12.21 26.69
C GLN A 287 4.17 11.66 26.81
N THR A 288 3.66 11.03 25.74
CA THR A 288 2.32 10.47 25.74
C THR A 288 2.29 9.04 26.27
N ALA A 289 3.16 8.70 27.20
CA ALA A 289 3.20 7.34 27.73
C ALA A 289 2.00 7.08 28.63
N HIS A 290 1.38 5.92 28.45
CA HIS A 290 0.18 5.50 29.18
C HIS A 290 -0.99 6.44 28.94
N TYR A 291 -0.93 7.25 27.89
CA TYR A 291 -2.06 8.12 27.55
C TYR A 291 -3.21 7.30 26.98
N VAL A 292 -4.43 7.73 27.29
CA VAL A 292 -5.61 7.01 26.83
C VAL A 292 -5.73 7.15 25.32
N THR A 293 -5.61 6.03 24.62
CA THR A 293 -5.71 5.98 23.17
C THR A 293 -6.98 5.26 22.74
N GLY A 294 -7.33 5.41 21.47
CA GLY A 294 -8.51 4.76 20.94
C GLY A 294 -8.39 3.24 20.91
N ARG A 295 -7.16 2.73 20.78
CA ARG A 295 -6.96 1.29 20.77
C ARG A 295 -7.32 0.66 22.10
N ALA A 296 -6.94 1.31 23.21
CA ALA A 296 -7.28 0.79 24.53
C ALA A 296 -8.76 0.94 24.85
N LEU A 297 -9.47 1.81 24.13
CA LEU A 297 -10.91 2.00 24.32
C LEU A 297 -11.74 1.26 23.29
N ARG A 298 -11.17 0.23 22.66
CA ARG A 298 -11.91 -0.51 21.65
C ARG A 298 -13.05 -1.29 22.31
N GLY A 299 -14.26 -1.10 21.78
CA GLY A 299 -15.43 -1.72 22.37
C GLY A 299 -15.93 -1.07 23.64
N SER A 300 -15.49 0.16 23.91
CA SER A 300 -15.95 0.87 25.10
C SER A 300 -17.41 1.29 25.01
N ASP A 301 -17.96 1.34 23.79
CA ASP A 301 -19.37 1.68 23.64
C ASP A 301 -20.27 0.62 24.27
N LYS A 302 -19.89 -0.65 24.15
CA LYS A 302 -20.69 -1.72 24.72
C LYS A 302 -20.50 -1.79 26.23
N VAL A 303 -19.28 -1.54 26.71
CA VAL A 303 -19.01 -1.61 28.14
C VAL A 303 -19.71 -0.48 28.89
N PHE A 304 -19.81 0.70 28.28
CA PHE A 304 -20.39 1.84 28.97
C PHE A 304 -21.91 1.69 29.10
N GLU A 305 -22.58 1.24 28.05
CA GLU A 305 -24.02 1.02 28.13
C GLU A 305 -24.36 -0.04 29.17
N LYS A 306 -23.56 -1.11 29.23
CA LYS A 306 -23.76 -2.14 30.24
C LYS A 306 -23.40 -1.67 31.63
N TRP A 307 -22.52 -0.66 31.75
CA TRP A 307 -22.20 -0.10 33.05
C TRP A 307 -23.29 0.83 33.55
N GLY A 308 -24.02 1.49 32.65
CA GLY A 308 -25.06 2.40 33.07
C GLY A 308 -26.20 1.72 33.80
N LYS A 309 -26.42 0.44 33.51
CA LYS A 309 -27.46 -0.35 34.17
C LYS A 309 -27.03 -0.89 35.53
N LEU A 310 -25.96 -0.34 36.11
CA LEU A 310 -25.47 -0.76 37.42
C LEU A 310 -25.55 0.39 38.41
N ALA A 311 -25.23 0.08 39.66
CA ALA A 311 -25.16 1.04 40.75
C ALA A 311 -23.73 1.55 40.91
N PRO A 312 -23.56 2.85 41.16
CA PRO A 312 -22.19 3.39 41.32
C PRO A 312 -21.44 2.78 42.49
N ASP A 313 -22.14 2.40 43.56
CA ASP A 313 -21.52 1.81 44.74
C ASP A 313 -21.43 0.28 44.66
N ALA A 314 -21.74 -0.31 43.51
CA ALA A 314 -21.71 -1.75 43.36
C ALA A 314 -20.27 -2.26 43.47
N PRO A 315 -20.09 -3.54 43.83
CA PRO A 315 -18.75 -4.11 43.91
C PRO A 315 -18.08 -4.18 42.54
N PHE A 316 -16.81 -4.57 42.57
CA PHE A 316 -16.00 -4.58 41.35
C PHE A 316 -16.45 -5.70 40.40
N ASP A 317 -16.65 -6.90 40.92
CA ASP A 317 -16.81 -8.07 40.05
C ASP A 317 -17.98 -7.90 39.08
N LEU A 318 -19.06 -7.25 39.51
CA LEU A 318 -20.17 -7.01 38.59
C LEU A 318 -19.80 -5.99 37.52
N TYR A 319 -18.94 -5.04 37.84
CA TYR A 319 -18.36 -4.18 36.81
C TYR A 319 -17.36 -4.94 35.95
N ASP A 320 -16.56 -5.80 36.58
CA ASP A 320 -15.50 -6.51 35.86
C ASP A 320 -16.07 -7.62 34.98
N ALA A 321 -16.96 -8.45 35.54
CA ALA A 321 -17.61 -9.49 34.73
C ALA A 321 -18.41 -8.89 33.59
N GLU A 322 -18.87 -7.65 33.72
CA GLU A 322 -19.51 -6.96 32.62
C GLU A 322 -18.51 -6.54 31.55
N ILE A 323 -17.23 -6.42 31.91
CA ILE A 323 -16.19 -6.19 30.92
C ILE A 323 -15.83 -7.49 30.21
N LYS A 324 -15.78 -8.59 30.95
CA LYS A 324 -15.43 -9.88 30.36
C LYS A 324 -16.47 -10.33 29.34
N ASN A 325 -17.74 -9.97 29.55
CA ASN A 325 -18.78 -10.35 28.60
C ASN A 325 -18.62 -9.63 27.28
N VAL A 326 -18.17 -8.36 27.31
CA VAL A 326 -17.96 -7.63 26.07
C VAL A 326 -16.77 -8.21 25.31
N GLN A 327 -15.74 -8.66 26.02
CA GLN A 327 -14.58 -9.25 25.36
C GLN A 327 -14.92 -10.63 24.79
N ARG A 328 -15.76 -11.40 25.51
CA ARG A 328 -16.10 -12.74 25.04
C ARG A 328 -16.94 -12.70 23.78
N ARG A 329 -17.74 -11.64 23.59
CA ARG A 329 -18.58 -11.54 22.39
C ARG A 329 -17.72 -11.54 21.13
N ASN A 330 -16.55 -10.89 21.18
CA ASN A 330 -15.56 -10.98 20.11
C ASN A 330 -14.23 -10.53 20.69
N THR A 331 -13.33 -11.48 20.92
CA THR A 331 -12.05 -11.18 21.55
C THR A 331 -11.16 -10.31 20.67
N ARG A 332 -11.43 -10.25 19.37
CA ARG A 332 -10.59 -9.49 18.46
C ARG A 332 -10.87 -8.00 18.54
N ARG A 333 -12.13 -7.61 18.61
CA ARG A 333 -12.52 -6.20 18.69
C ARG A 333 -12.75 -5.77 20.14
N PHE A 334 -11.70 -5.89 20.94
CA PHE A 334 -11.74 -5.51 22.34
C PHE A 334 -10.47 -4.75 22.70
N GLY A 335 -10.59 -3.86 23.68
CA GLY A 335 -9.50 -2.99 24.09
C GLY A 335 -8.77 -3.52 25.31
N SER A 336 -8.35 -2.59 26.17
CA SER A 336 -7.56 -2.93 27.34
C SER A 336 -8.47 -3.28 28.51
N HIS A 337 -8.16 -4.41 29.17
CA HIS A 337 -8.89 -4.76 30.38
C HIS A 337 -8.52 -3.85 31.54
N ASP A 338 -7.24 -3.49 31.66
CA ASP A 338 -6.79 -2.67 32.78
C ASP A 338 -7.39 -1.28 32.73
N LEU A 339 -7.58 -0.72 31.53
CA LEU A 339 -8.21 0.59 31.41
C LEU A 339 -9.65 0.53 31.92
N PHE A 340 -10.42 -0.45 31.46
CA PHE A 340 -11.79 -0.61 31.93
C PHE A 340 -11.82 -1.01 33.41
N ALA A 341 -10.79 -1.69 33.90
CA ALA A 341 -10.72 -2.02 35.31
C ALA A 341 -10.53 -0.77 36.16
N LYS A 342 -9.73 0.19 35.67
CA LYS A 342 -9.53 1.43 36.40
C LYS A 342 -10.68 2.41 36.19
N LEU A 343 -11.32 2.37 35.02
CA LEU A 343 -12.48 3.23 34.77
C LEU A 343 -13.67 2.84 35.62
N ALA A 344 -13.74 1.59 36.08
CA ALA A 344 -14.83 1.17 36.96
C ALA A 344 -14.65 1.66 38.38
N GLU A 345 -13.45 2.09 38.75
CA GLU A 345 -13.22 2.63 40.08
C GLU A 345 -14.02 3.92 40.26
N PRO A 346 -14.61 4.14 41.44
CA PRO A 346 -15.55 5.26 41.59
C PRO A 346 -14.92 6.63 41.38
N GLU A 347 -13.61 6.78 41.64
CA GLU A 347 -12.97 8.07 41.44
C GLU A 347 -12.83 8.43 39.96
N TYR A 348 -12.83 7.44 39.07
CA TYR A 348 -12.68 7.69 37.64
C TYR A 348 -13.97 7.43 36.87
N GLN A 349 -15.07 7.10 37.55
CA GLN A 349 -16.32 6.81 36.85
C GLN A 349 -16.92 8.04 36.18
N ALA A 350 -16.54 9.24 36.61
CA ALA A 350 -17.10 10.46 36.02
C ALA A 350 -16.67 10.65 34.57
N LEU A 351 -15.61 9.97 34.13
CA LEU A 351 -15.16 10.12 32.74
C LEU A 351 -16.15 9.52 31.76
N TRP A 352 -16.82 8.43 32.13
CA TRP A 352 -17.80 7.78 31.27
C TRP A 352 -19.24 7.97 31.73
N ARG A 353 -19.46 8.46 32.95
CA ARG A 353 -20.82 8.62 33.45
C ARG A 353 -21.46 9.89 32.89
N GLU A 354 -20.77 11.03 32.97
CA GLU A 354 -21.32 12.29 32.51
C GLU A 354 -21.43 12.30 30.98
N ASP A 355 -20.30 12.34 30.29
CA ASP A 355 -20.26 12.29 28.84
C ASP A 355 -19.72 10.93 28.43
N ALA A 356 -20.60 10.10 27.85
CA ALA A 356 -20.20 8.74 27.44
C ALA A 356 -19.31 8.73 26.21
N SER A 357 -19.12 9.88 25.56
CA SER A 357 -18.26 9.99 24.38
C SER A 357 -17.04 10.85 24.63
N PHE A 358 -16.74 11.19 25.89
CA PHE A 358 -15.62 12.08 26.18
C PHE A 358 -14.28 11.37 25.98
N LEU A 359 -14.17 10.12 26.45
CA LEU A 359 -12.89 9.43 26.39
C LEU A 359 -12.45 9.14 24.96
N THR A 360 -13.39 8.88 24.06
CA THR A 360 -13.02 8.70 22.65
C THR A 360 -12.63 10.03 22.02
N ARG A 361 -13.29 11.12 22.41
CA ARG A 361 -12.86 12.45 21.97
C ARG A 361 -11.45 12.75 22.43
N TYR A 362 -11.18 12.53 23.72
CA TYR A 362 -9.86 12.83 24.25
C TYR A 362 -8.80 11.89 23.70
N ALA A 363 -9.20 10.69 23.27
CA ALA A 363 -8.24 9.78 22.63
C ALA A 363 -7.76 10.35 21.31
N VAL A 364 -8.66 11.00 20.56
CA VAL A 364 -8.25 11.70 19.35
C VAL A 364 -7.28 12.82 19.68
N TYR A 365 -7.53 13.53 20.79
CA TYR A 365 -6.61 14.57 21.22
C TYR A 365 -5.25 14.00 21.61
N ASN A 366 -5.23 12.79 22.18
CA ASN A 366 -3.96 12.16 22.53
C ASN A 366 -3.19 11.72 21.29
N SER A 367 -3.91 11.23 20.28
CA SER A 367 -3.24 10.83 19.04
C SER A 367 -2.61 12.03 18.35
N ILE A 368 -3.26 13.19 18.43
CA ILE A 368 -2.68 14.42 17.89
C ILE A 368 -1.45 14.82 18.69
N LEU A 369 -1.48 14.58 20.00
CA LEU A 369 -0.31 14.90 20.84
C LEU A 369 0.87 14.00 20.50
N ARG A 370 0.63 12.71 20.31
CA ARG A 370 1.72 11.79 20.02
C ARG A 370 2.30 12.02 18.63
N LYS A 371 1.43 12.19 17.62
CA LYS A 371 1.91 12.43 16.27
C LYS A 371 2.63 13.77 16.15
N LEU A 372 2.25 14.75 16.99
CA LEU A 372 2.96 16.02 16.99
C LEU A 372 4.34 15.91 17.61
N ASN A 373 4.48 15.05 18.63
CA ASN A 373 5.79 14.84 19.24
C ASN A 373 6.76 14.12 18.32
N HIS A 374 6.26 13.38 17.33
CA HIS A 374 7.09 12.67 16.38
C HIS A 374 7.12 13.32 15.00
N ALA A 375 6.28 14.32 14.75
CA ALA A 375 6.23 14.95 13.44
C ALA A 375 7.51 15.75 13.20
N LYS A 376 8.13 15.50 12.04
CA LYS A 376 9.32 16.24 11.65
C LYS A 376 8.92 17.63 11.14
N MSE A 377 9.90 18.53 11.11
CA MSE A 377 9.66 19.89 10.65
C MSE A 377 10.42 20.15 9.36
O MSE A 377 10.15 21.11 8.64
CB MSE A 377 10.07 20.89 11.72
CG MSE A 377 9.28 20.79 13.01
SE MSE A 377 9.93 21.98 14.41
CE MSE A 377 10.81 20.67 15.55
N PHE A 378 11.39 19.28 9.07
CA PHE A 378 12.22 19.41 7.88
C PHE A 378 12.51 18.03 7.32
N ALA A 379 12.66 17.97 6.00
CA ALA A 379 13.01 16.71 5.34
C ALA A 379 14.51 16.49 5.42
N THR A 380 14.90 15.26 5.76
CA THR A 380 16.32 14.94 5.85
C THR A 380 16.99 15.08 4.49
N PHE A 381 18.27 15.47 4.53
CA PHE A 381 19.06 15.73 3.32
C PHE A 381 20.19 14.72 3.27
N THR A 382 20.22 13.92 2.20
CA THR A 382 21.23 12.88 2.02
C THR A 382 21.88 13.04 0.66
N LEU A 383 23.20 13.23 0.66
CA LEU A 383 23.94 13.30 -0.59
C LEU A 383 23.94 11.94 -1.27
N PRO A 384 24.09 11.91 -2.60
CA PRO A 384 24.24 10.62 -3.28
C PRO A 384 25.60 10.00 -2.99
N ASP A 385 25.63 8.68 -2.99
CA ASP A 385 26.85 7.92 -2.75
C ASP A 385 26.90 6.74 -3.70
N ALA A 386 28.09 6.47 -4.25
CA ALA A 386 28.22 5.43 -5.25
C ALA A 386 27.80 4.06 -4.73
N THR A 387 27.88 3.84 -3.42
CA THR A 387 27.55 2.54 -2.83
C THR A 387 26.39 2.60 -1.85
N ALA A 388 26.27 3.67 -1.06
CA ALA A 388 25.24 3.74 -0.03
C ALA A 388 23.90 4.20 -0.61
N HIS A 389 23.88 5.37 -1.27
CA HIS A 389 22.66 5.92 -1.86
C HIS A 389 22.95 6.23 -3.32
N PRO A 390 22.93 5.19 -4.17
CA PRO A 390 23.41 5.37 -5.55
C PRO A 390 22.36 5.96 -6.48
N ILE A 391 22.83 6.78 -7.40
CA ILE A 391 22.10 7.11 -8.61
C ILE A 391 22.77 6.40 -9.77
N TRP A 392 22.08 6.32 -10.90
CA TRP A 392 22.52 5.53 -12.03
C TRP A 392 22.79 6.43 -13.23
N THR A 393 23.88 6.14 -13.94
CA THR A 393 24.21 6.88 -15.14
C THR A 393 23.15 6.63 -16.20
N ARG A 394 22.62 7.70 -16.78
CA ARG A 394 21.58 7.58 -17.79
C ARG A 394 22.18 7.53 -19.19
N PHE A 395 21.40 6.98 -20.12
CA PHE A 395 21.78 6.92 -21.52
C PHE A 395 20.56 7.29 -22.35
N ASP A 396 20.65 8.42 -23.07
CA ASP A 396 19.56 8.82 -23.94
C ASP A 396 19.40 7.82 -25.09
N LYS A 397 18.21 7.81 -25.66
CA LYS A 397 17.95 6.98 -26.84
C LYS A 397 18.71 7.54 -28.03
N LEU A 398 18.61 6.84 -29.17
CA LEU A 398 19.26 7.31 -30.38
C LEU A 398 18.60 8.61 -30.84
N GLY A 399 19.40 9.64 -31.04
CA GLY A 399 18.92 10.95 -31.37
C GLY A 399 18.84 11.91 -30.20
N GLY A 400 18.91 11.41 -28.97
CA GLY A 400 18.90 12.26 -27.79
C GLY A 400 20.14 13.12 -27.68
N ASN A 401 20.15 13.96 -26.65
CA ASN A 401 21.25 14.91 -26.48
C ASN A 401 22.36 14.39 -25.57
N LEU A 402 22.11 13.33 -24.81
CA LEU A 402 23.11 12.73 -23.96
C LEU A 402 23.88 11.66 -24.72
N HIS A 403 24.80 11.00 -24.02
CA HIS A 403 25.44 9.80 -24.55
C HIS A 403 24.38 8.76 -24.87
N GLN A 404 24.39 8.27 -26.10
CA GLN A 404 23.28 7.49 -26.64
C GLN A 404 23.62 6.01 -26.69
N TYR A 405 22.64 5.21 -27.12
CA TYR A 405 22.78 3.77 -27.27
C TYR A 405 21.80 3.29 -28.31
N THR A 406 22.13 2.18 -28.95
CA THR A 406 21.23 1.48 -29.86
C THR A 406 20.93 0.10 -29.31
N PHE A 407 19.69 -0.35 -29.47
CA PHE A 407 19.32 -1.73 -29.17
C PHE A 407 19.42 -2.54 -30.47
N LEU A 408 20.35 -3.49 -30.49
CA LEU A 408 20.65 -4.27 -31.69
C LEU A 408 19.88 -5.59 -31.63
N PHE A 409 18.84 -5.71 -32.47
CA PHE A 409 18.06 -6.93 -32.52
C PHE A 409 18.83 -8.03 -33.24
N ASN A 410 19.01 -9.16 -32.56
CA ASN A 410 19.60 -10.36 -33.15
C ASN A 410 21.00 -10.06 -33.70
N GLU A 411 21.84 -9.47 -32.86
CA GLU A 411 23.18 -9.11 -33.31
C GLU A 411 24.10 -10.32 -33.39
N PHE A 412 23.84 -11.35 -32.60
CA PHE A 412 24.71 -12.51 -32.56
C PHE A 412 23.98 -13.84 -32.72
N GLY A 413 22.66 -13.84 -32.87
CA GLY A 413 21.93 -15.09 -33.01
C GLY A 413 20.45 -14.84 -33.16
N GLU A 414 19.69 -15.94 -33.01
CA GLU A 414 18.23 -15.85 -33.13
C GLU A 414 17.65 -14.91 -32.09
N ARG A 415 18.04 -15.10 -30.83
CA ARG A 415 17.59 -14.25 -29.72
C ARG A 415 18.76 -13.61 -28.98
N ARG A 416 19.93 -13.54 -29.62
CA ARG A 416 21.11 -12.94 -29.01
C ARG A 416 21.13 -11.46 -29.41
N HIS A 417 20.51 -10.63 -28.58
CA HIS A 417 20.49 -9.20 -28.81
C HIS A 417 21.74 -8.54 -28.25
N ALA A 418 21.90 -7.25 -28.53
CA ALA A 418 23.05 -6.51 -28.07
C ALA A 418 22.68 -5.05 -27.91
N ILE A 419 23.52 -4.33 -27.17
CA ILE A 419 23.36 -2.90 -26.96
C ILE A 419 24.69 -2.23 -27.29
N ARG A 420 24.65 -1.21 -28.14
CA ARG A 420 25.84 -0.50 -28.58
C ARG A 420 25.89 0.84 -27.88
N PHE A 421 26.74 0.95 -26.86
CA PHE A 421 26.99 2.23 -26.21
C PHE A 421 27.89 3.08 -27.10
N HIS A 422 27.37 4.20 -27.58
CA HIS A 422 28.14 5.07 -28.48
C HIS A 422 29.30 5.75 -27.76
N LYS A 423 29.20 5.94 -26.45
CA LYS A 423 30.31 6.40 -25.63
C LYS A 423 30.30 5.63 -24.33
N LEU A 424 31.49 5.30 -23.83
CA LEU A 424 31.62 4.49 -22.63
C LEU A 424 33.01 4.71 -22.05
N LEU A 425 33.32 3.99 -20.98
CA LEU A 425 34.64 4.00 -20.37
C LEU A 425 35.26 2.61 -20.48
N LYS A 426 36.57 2.59 -20.63
CA LYS A 426 37.33 1.34 -20.71
C LYS A 426 38.54 1.46 -19.79
N VAL A 427 38.73 0.46 -18.94
CA VAL A 427 39.78 0.45 -17.93
C VAL A 427 40.78 -0.65 -18.28
N GLU A 428 42.00 -0.25 -18.61
CA GLU A 428 43.07 -1.17 -18.99
C GLU A 428 44.28 -0.90 -18.11
N ASN A 429 44.59 -1.85 -17.21
CA ASN A 429 45.74 -1.74 -16.31
C ASN A 429 45.63 -0.50 -15.41
N GLY A 430 44.41 -0.21 -14.95
CA GLY A 430 44.20 0.79 -13.93
C GLY A 430 43.81 2.17 -14.43
N VAL A 431 44.06 2.47 -15.70
CA VAL A 431 43.73 3.79 -16.26
C VAL A 431 42.37 3.71 -16.93
N ALA A 432 41.51 4.68 -16.61
CA ALA A 432 40.18 4.76 -17.21
C ALA A 432 40.25 5.64 -18.46
N ARG A 433 39.72 5.12 -19.57
CA ARG A 433 39.84 5.77 -20.87
C ARG A 433 38.47 5.79 -21.54
N GLU A 434 38.06 6.96 -22.00
CA GLU A 434 36.78 7.10 -22.69
C GLU A 434 36.91 6.56 -24.11
N VAL A 435 35.94 5.76 -24.52
CA VAL A 435 35.96 5.08 -25.82
C VAL A 435 34.64 5.33 -26.53
N ASP A 436 34.57 4.87 -27.78
CA ASP A 436 33.41 5.04 -28.63
C ASP A 436 32.97 3.70 -29.20
N ASP A 437 31.66 3.55 -29.39
CA ASP A 437 31.07 2.45 -30.14
C ASP A 437 31.45 1.09 -29.53
N VAL A 438 30.84 0.82 -28.39
CA VAL A 438 31.07 -0.41 -27.63
C VAL A 438 29.80 -1.26 -27.72
N THR A 439 29.89 -2.39 -28.41
CA THR A 439 28.77 -3.30 -28.58
C THR A 439 28.84 -4.39 -27.50
N VAL A 440 27.76 -4.53 -26.73
CA VAL A 440 27.71 -5.43 -25.59
C VAL A 440 26.55 -6.39 -25.78
N PRO A 441 26.78 -7.70 -25.83
CA PRO A 441 25.66 -8.65 -25.93
C PRO A 441 24.83 -8.67 -24.66
N ILE A 442 23.60 -9.17 -24.82
CA ILE A 442 22.62 -9.22 -23.75
C ILE A 442 22.35 -10.67 -23.40
N SER A 443 22.24 -10.95 -22.09
CA SER A 443 21.84 -12.27 -21.66
C SER A 443 20.43 -12.58 -22.14
N MSE A 444 20.16 -13.87 -22.37
CA MSE A 444 18.87 -14.32 -22.86
C MSE A 444 17.73 -13.85 -21.95
O MSE A 444 17.77 -14.04 -20.74
CB MSE A 444 18.83 -15.84 -22.98
CG MSE A 444 19.64 -16.40 -24.13
SE MSE A 444 18.96 -15.85 -25.87
CE MSE A 444 20.11 -16.94 -27.00
N SER A 445 16.71 -13.25 -22.56
CA SER A 445 15.56 -12.74 -21.83
C SER A 445 14.30 -13.05 -22.62
N GLU A 446 13.48 -13.99 -22.11
CA GLU A 446 12.19 -14.24 -22.71
C GLU A 446 11.28 -13.02 -22.67
N GLN A 447 11.54 -12.10 -21.74
CA GLN A 447 10.81 -10.84 -21.72
C GLN A 447 11.15 -9.99 -22.95
N LEU A 448 12.38 -10.10 -23.46
CA LEU A 448 12.77 -9.37 -24.66
C LEU A 448 12.08 -9.89 -25.91
N ASP A 449 11.55 -11.12 -25.87
CA ASP A 449 10.84 -11.66 -27.02
C ASP A 449 9.55 -10.90 -27.33
N ASN A 450 9.08 -10.07 -26.40
CA ASN A 450 7.93 -9.21 -26.65
C ASN A 450 8.29 -7.97 -27.47
N LEU A 451 9.57 -7.77 -27.78
CA LEU A 451 10.03 -6.61 -28.53
C LEU A 451 10.45 -7.05 -29.93
N LEU A 452 9.87 -6.41 -30.95
CA LEU A 452 10.21 -6.66 -32.34
C LEU A 452 10.55 -5.35 -33.02
N PRO A 453 11.57 -5.33 -33.88
CA PRO A 453 11.91 -4.09 -34.60
C PRO A 453 10.80 -3.70 -35.57
N ARG A 454 10.61 -2.39 -35.70
CA ARG A 454 9.55 -1.84 -36.54
C ARG A 454 10.08 -1.24 -37.83
N ASP A 455 11.08 -0.36 -37.76
CA ASP A 455 11.58 0.36 -38.92
C ASP A 455 13.10 0.22 -38.96
N PRO A 456 13.68 -0.29 -40.05
CA PRO A 456 15.15 -0.37 -40.10
C PRO A 456 15.82 0.99 -40.14
N ASN A 457 15.25 1.96 -40.84
CA ASN A 457 15.89 3.28 -40.95
C ASN A 457 15.90 4.01 -39.62
N GLU A 458 14.90 3.78 -38.77
CA GLU A 458 14.85 4.38 -37.43
C GLU A 458 15.01 3.27 -36.39
N PRO A 459 16.22 3.05 -35.86
CA PRO A 459 16.43 1.93 -34.93
C PRO A 459 15.95 2.21 -33.52
N ILE A 460 15.01 3.16 -33.40
CA ILE A 460 14.34 3.43 -32.15
C ILE A 460 12.94 2.83 -32.13
N ALA A 461 12.26 2.74 -33.27
CA ALA A 461 10.92 2.16 -33.31
C ALA A 461 10.95 0.67 -32.97
N LEU A 462 9.83 0.20 -32.41
CA LEU A 462 9.71 -1.21 -32.05
C LEU A 462 8.24 -1.61 -32.03
N TYR A 463 8.00 -2.91 -31.96
CA TYR A 463 6.67 -3.45 -31.69
C TYR A 463 6.68 -4.10 -30.32
N PHE A 464 5.52 -4.08 -29.64
CA PHE A 464 5.40 -4.62 -28.30
C PHE A 464 4.33 -5.70 -28.29
N ARG A 465 4.72 -6.92 -27.94
CA ARG A 465 3.80 -8.03 -27.87
C ARG A 465 3.03 -8.03 -26.54
N ASP A 466 1.85 -8.63 -26.57
CA ASP A 466 1.04 -8.80 -25.37
C ASP A 466 -0.02 -9.85 -25.65
N TYR A 467 -0.27 -10.71 -24.67
CA TYR A 467 -1.27 -11.77 -24.84
C TYR A 467 -2.67 -11.21 -25.00
N GLY A 468 -2.95 -10.06 -24.41
CA GLY A 468 -4.27 -9.47 -24.48
C GLY A 468 -4.41 -8.42 -25.55
N ALA A 469 -3.68 -8.58 -26.66
CA ALA A 469 -3.76 -7.65 -27.78
C ALA A 469 -3.49 -8.43 -29.06
N GLU A 470 -4.50 -8.54 -29.92
CA GLU A 470 -4.34 -9.28 -31.16
C GLU A 470 -3.34 -8.60 -32.09
N GLN A 471 -3.34 -7.27 -32.14
CA GLN A 471 -2.35 -6.52 -32.89
C GLN A 471 -1.29 -5.99 -31.94
N HIS A 472 -0.03 -6.11 -32.36
CA HIS A 472 1.07 -5.62 -31.55
C HIS A 472 1.03 -4.10 -31.44
N PHE A 473 1.45 -3.58 -30.29
CA PHE A 473 1.51 -2.14 -30.08
C PHE A 473 2.76 -1.58 -30.74
N THR A 474 2.63 -0.37 -31.29
CA THR A 474 3.79 0.36 -31.78
C THR A 474 4.44 1.12 -30.62
N GLY A 475 5.76 1.09 -30.56
CA GLY A 475 6.47 1.72 -29.46
C GLY A 475 7.86 2.14 -29.85
N GLU A 476 8.48 2.91 -28.96
CA GLU A 476 9.83 3.42 -29.15
C GLU A 476 10.67 3.12 -27.93
N PHE A 477 11.97 2.89 -28.16
CA PHE A 477 12.92 2.85 -27.06
C PHE A 477 13.07 4.24 -26.45
N GLY A 478 13.29 4.28 -25.15
CA GLY A 478 13.46 5.54 -24.47
C GLY A 478 14.79 5.65 -23.76
N GLY A 479 14.85 6.43 -22.69
CA GLY A 479 16.06 6.53 -21.91
C GLY A 479 16.37 5.23 -21.18
N ALA A 480 17.66 5.05 -20.88
CA ALA A 480 18.13 3.87 -20.18
C ALA A 480 19.05 4.30 -19.04
N LYS A 481 19.27 3.38 -18.10
CA LYS A 481 20.17 3.62 -16.98
C LYS A 481 20.89 2.34 -16.64
N ILE A 482 22.15 2.48 -16.23
CA ILE A 482 23.00 1.35 -15.88
C ILE A 482 22.86 1.09 -14.39
N GLN A 483 22.43 -0.13 -14.04
CA GLN A 483 22.19 -0.49 -12.65
C GLN A 483 23.01 -1.70 -12.25
N CYS A 484 23.41 -1.72 -10.99
CA CYS A 484 24.01 -2.88 -10.36
C CYS A 484 23.16 -3.27 -9.15
N ARG A 485 23.30 -4.52 -8.72
CA ARG A 485 22.56 -4.99 -7.56
C ARG A 485 22.98 -4.23 -6.31
N ARG A 486 22.03 -4.02 -5.41
CA ARG A 486 22.32 -3.30 -4.17
C ARG A 486 23.28 -4.08 -3.27
N ASP A 487 23.19 -5.42 -3.28
CA ASP A 487 24.06 -6.23 -2.44
C ASP A 487 25.47 -6.33 -3.01
N GLN A 488 25.60 -6.37 -4.34
CA GLN A 488 26.90 -6.34 -5.00
C GLN A 488 27.49 -4.95 -5.10
N LEU A 489 26.96 -3.99 -4.34
CA LEU A 489 27.36 -2.60 -4.42
C LEU A 489 28.29 -2.19 -3.28
N ALA A 490 27.89 -2.42 -2.03
CA ALA A 490 28.74 -2.10 -0.90
C ALA A 490 30.02 -2.93 -0.87
N HIS A 491 30.07 -4.01 -1.64
CA HIS A 491 31.24 -4.86 -1.70
C HIS A 491 32.26 -4.29 -2.67
N MSE A 492 33.49 -4.78 -2.55
CA MSE A 492 34.54 -4.46 -3.52
C MSE A 492 35.19 -5.76 -3.99
O MSE A 492 35.12 -6.10 -5.17
CB MSE A 492 35.58 -3.52 -2.91
CG MSE A 492 35.58 -2.12 -3.50
SE MSE A 492 36.00 -2.10 -5.41
CE MSE A 492 36.02 -0.17 -5.70
N HIS A 493 35.82 -6.46 -3.05
CA HIS A 493 36.46 -7.76 -3.29
C HIS A 493 37.46 -7.60 -4.44
N ARG A 494 37.68 -8.66 -5.20
CA ARG A 494 38.50 -8.64 -6.40
C ARG A 494 37.90 -9.61 -7.41
N ARG A 495 36.65 -9.36 -7.81
CA ARG A 495 35.94 -10.20 -8.74
C ARG A 495 35.31 -9.36 -9.84
N ARG A 496 35.03 -9.99 -10.96
CA ARG A 496 34.45 -9.33 -12.12
C ARG A 496 33.12 -9.96 -12.51
N ARG A 499 30.64 -9.00 -10.44
CA ARG A 499 29.70 -7.88 -10.35
C ARG A 499 28.85 -7.78 -11.62
N ASP A 500 27.60 -8.24 -11.54
CA ASP A 500 26.71 -8.18 -12.69
C ASP A 500 26.25 -6.75 -12.94
N VAL A 501 26.16 -6.38 -14.21
CA VAL A 501 25.76 -5.03 -14.63
C VAL A 501 24.52 -5.15 -15.50
N TYR A 502 23.50 -4.34 -15.19
CA TYR A 502 22.25 -4.35 -15.92
C TYR A 502 22.01 -3.00 -16.59
N LEU A 503 21.24 -3.01 -17.67
CA LEU A 503 20.75 -1.80 -18.30
C LEU A 503 19.23 -1.77 -18.20
N ASN A 504 18.70 -0.73 -17.57
CA ASN A 504 17.25 -0.60 -17.38
C ASN A 504 16.70 0.27 -18.51
N VAL A 505 16.12 -0.38 -19.51
CA VAL A 505 15.64 0.30 -20.71
C VAL A 505 14.18 0.69 -20.50
N SER A 506 13.88 1.97 -20.73
CA SER A 506 12.50 2.46 -20.68
C SER A 506 11.88 2.32 -22.06
N VAL A 507 10.73 1.66 -22.11
CA VAL A 507 10.01 1.41 -23.36
C VAL A 507 8.71 2.19 -23.32
N ARG A 508 8.53 3.08 -24.30
CA ARG A 508 7.29 3.83 -24.44
C ARG A 508 6.39 3.09 -25.41
N VAL A 509 5.22 2.68 -24.92
CA VAL A 509 4.29 1.85 -25.69
C VAL A 509 3.03 2.66 -25.97
N GLN A 510 2.61 2.67 -27.23
CA GLN A 510 1.47 3.46 -27.68
C GLN A 510 0.23 2.58 -27.74
N SER A 511 -0.83 3.01 -27.05
CA SER A 511 -2.06 2.24 -27.01
C SER A 511 -2.81 2.36 -28.35
N GLN A 512 -3.81 1.50 -28.52
CA GLN A 512 -4.58 1.51 -29.75
C GLN A 512 -5.34 2.82 -29.92
N SER A 513 -5.81 3.39 -28.81
CA SER A 513 -6.47 4.70 -28.88
C SER A 513 -5.48 5.79 -29.24
N GLU A 514 -4.32 5.81 -28.57
CA GLU A 514 -3.31 6.82 -28.86
C GLU A 514 -2.83 6.73 -30.30
N ALA A 515 -2.85 5.54 -30.89
CA ALA A 515 -2.41 5.39 -32.28
C ALA A 515 -3.36 6.06 -33.26
N ARG A 516 -4.61 6.28 -32.87
CA ARG A 516 -5.59 6.92 -33.74
C ARG A 516 -5.63 8.44 -33.56
N GLY A 517 -4.77 9.00 -32.73
CA GLY A 517 -4.69 10.44 -32.58
C GLY A 517 -5.73 11.06 -31.68
N GLU A 518 -6.39 10.27 -30.83
CA GLU A 518 -7.40 10.78 -29.91
C GLU A 518 -6.81 10.94 -28.53
N ARG A 519 -7.16 12.06 -27.87
CA ARG A 519 -6.66 12.29 -26.51
C ARG A 519 -7.14 11.21 -25.56
N ARG A 520 -8.42 10.83 -25.64
CA ARG A 520 -9.01 9.81 -24.81
C ARG A 520 -9.87 8.91 -25.68
N PRO A 521 -10.04 7.65 -25.31
CA PRO A 521 -10.92 6.75 -26.07
C PRO A 521 -12.33 7.29 -26.14
N PRO A 522 -13.11 6.91 -27.15
CA PRO A 522 -14.45 7.48 -27.30
C PRO A 522 -15.39 7.15 -26.15
N TYR A 523 -15.16 6.03 -25.45
CA TYR A 523 -15.99 5.68 -24.32
C TYR A 523 -15.56 6.36 -23.02
N ALA A 524 -14.52 7.20 -23.07
CA ALA A 524 -14.10 7.92 -21.87
C ALA A 524 -15.05 9.06 -21.53
N ALA A 525 -15.78 9.58 -22.51
CA ALA A 525 -16.76 10.64 -22.28
C ALA A 525 -18.07 10.13 -21.69
N VAL A 526 -18.16 8.82 -21.42
CA VAL A 526 -19.38 8.23 -20.86
C VAL A 526 -19.18 8.02 -19.36
N PHE A 527 -17.94 7.79 -18.96
CA PHE A 527 -17.60 7.50 -17.57
C PHE A 527 -16.75 8.63 -17.01
N ARG A 528 -17.26 9.32 -16.00
CA ARG A 528 -16.54 10.41 -15.34
C ARG A 528 -15.74 9.83 -14.16
N LEU A 529 -14.42 9.96 -14.23
CA LEU A 529 -13.53 9.50 -13.17
C LEU A 529 -13.00 10.71 -12.42
N VAL A 530 -13.26 10.76 -11.11
CA VAL A 530 -13.00 11.94 -10.30
C VAL A 530 -11.97 11.59 -9.23
N GLY A 531 -11.02 12.50 -9.02
CA GLY A 531 -10.07 12.38 -7.93
C GLY A 531 -8.99 11.33 -8.17
N ASP A 532 -8.11 11.21 -7.17
CA ASP A 532 -7.06 10.20 -7.23
C ASP A 532 -7.63 8.79 -7.08
N ASN A 533 -8.75 8.64 -6.38
CA ASN A 533 -9.38 7.35 -6.20
C ASN A 533 -10.16 6.89 -7.42
N HIS A 534 -10.27 7.73 -8.45
CA HIS A 534 -10.98 7.38 -9.69
C HIS A 534 -12.43 6.99 -9.39
N ARG A 535 -13.12 7.83 -8.61
CA ARG A 535 -14.52 7.60 -8.32
C ARG A 535 -15.35 7.70 -9.59
N ALA A 536 -16.03 6.62 -9.94
CA ALA A 536 -16.71 6.52 -11.22
C ALA A 536 -18.12 7.08 -11.16
N PHE A 537 -18.47 7.86 -12.18
CA PHE A 537 -19.82 8.39 -12.32
C PHE A 537 -20.19 8.36 -13.81
N VAL A 538 -21.43 7.96 -14.09
CA VAL A 538 -21.88 7.72 -15.45
C VAL A 538 -22.59 8.95 -15.98
N HIS A 539 -22.21 9.38 -17.19
CA HIS A 539 -22.93 10.41 -17.93
C HIS A 539 -24.13 9.74 -18.58
N PHE A 540 -25.25 9.69 -17.84
CA PHE A 540 -26.45 9.03 -18.34
C PHE A 540 -27.04 9.72 -19.55
N ASP A 541 -26.68 10.99 -19.78
CA ASP A 541 -27.19 11.69 -20.95
C ASP A 541 -26.62 11.13 -22.25
N LYS A 542 -25.34 10.73 -22.22
CA LYS A 542 -24.60 10.49 -23.46
C LYS A 542 -24.59 9.02 -23.89
N LEU A 543 -24.88 8.08 -23.00
CA LEU A 543 -24.77 6.68 -23.37
C LEU A 543 -25.91 6.19 -24.27
N SER A 544 -26.97 6.99 -24.44
CA SER A 544 -28.00 6.63 -25.41
C SER A 544 -27.51 6.84 -26.83
N ASP A 545 -26.68 7.87 -27.07
CA ASP A 545 -26.11 8.10 -28.39
C ASP A 545 -24.89 7.22 -28.63
N TYR A 546 -24.16 6.85 -27.58
CA TYR A 546 -22.96 6.04 -27.76
C TYR A 546 -23.30 4.65 -28.31
N LEU A 547 -24.35 4.03 -27.78
CA LEU A 547 -24.77 2.73 -28.30
C LEU A 547 -25.25 2.83 -29.74
N ALA A 548 -25.80 3.99 -30.12
CA ALA A 548 -26.17 4.19 -31.52
C ALA A 548 -24.93 4.33 -32.40
N GLU A 549 -23.86 4.90 -31.87
CA GLU A 549 -22.62 5.06 -32.61
C GLU A 549 -21.70 3.85 -32.49
N HIS A 550 -21.82 3.06 -31.42
CA HIS A 550 -20.96 1.92 -31.17
C HIS A 550 -21.82 0.70 -30.82
N PRO A 551 -22.49 0.11 -31.81
CA PRO A 551 -23.32 -1.07 -31.54
C PRO A 551 -22.49 -2.33 -31.39
N ASP A 552 -23.02 -3.26 -30.61
CA ASP A 552 -22.35 -4.53 -30.41
C ASP A 552 -22.32 -5.33 -31.71
N ASP A 553 -21.12 -5.75 -32.12
CA ASP A 553 -20.95 -6.52 -33.34
C ASP A 553 -20.29 -7.88 -33.11
N GLY A 554 -19.96 -8.22 -31.87
CA GLY A 554 -19.41 -9.53 -31.55
C GLY A 554 -17.91 -9.64 -31.63
N LYS A 555 -17.20 -8.56 -31.94
CA LYS A 555 -15.75 -8.63 -32.01
C LYS A 555 -15.16 -8.85 -30.61
N LEU A 556 -14.26 -9.82 -30.51
CA LEU A 556 -13.73 -10.27 -29.23
C LEU A 556 -12.34 -9.70 -28.99
N GLY A 557 -11.90 -9.80 -27.73
CA GLY A 557 -10.57 -9.35 -27.38
C GLY A 557 -10.40 -7.84 -27.51
N SER A 558 -9.17 -7.44 -27.84
CA SER A 558 -8.86 -6.03 -27.98
C SER A 558 -9.49 -5.39 -29.21
N GLU A 559 -10.17 -6.18 -30.05
CA GLU A 559 -10.80 -5.66 -31.26
C GLU A 559 -12.22 -5.16 -31.04
N GLY A 560 -12.79 -5.38 -29.85
CA GLY A 560 -14.16 -4.98 -29.58
C GLY A 560 -14.35 -3.82 -28.63
N LEU A 561 -13.30 -3.03 -28.35
CA LEU A 561 -13.45 -1.93 -27.42
C LEU A 561 -14.31 -0.81 -27.99
N LEU A 562 -14.37 -0.68 -29.31
CA LEU A 562 -15.16 0.36 -29.95
C LEU A 562 -16.57 -0.11 -30.32
N SER A 563 -16.96 -1.30 -29.87
CA SER A 563 -18.30 -1.83 -30.14
C SER A 563 -18.88 -2.37 -28.85
N GLY A 564 -20.01 -1.82 -28.44
CA GLY A 564 -20.63 -2.20 -27.18
C GLY A 564 -20.12 -1.37 -26.02
N LEU A 565 -20.79 -1.55 -24.87
CA LEU A 565 -20.45 -0.82 -23.65
C LEU A 565 -20.64 -1.78 -22.48
N ARG A 566 -19.52 -2.28 -21.95
CA ARG A 566 -19.56 -3.25 -20.87
C ARG A 566 -18.71 -2.76 -19.69
N VAL A 567 -19.12 -3.16 -18.49
CA VAL A 567 -18.44 -2.80 -17.25
C VAL A 567 -18.25 -4.07 -16.43
N MSE A 568 -17.04 -4.26 -15.90
CA MSE A 568 -16.77 -5.40 -15.05
C MSE A 568 -16.43 -4.97 -13.63
O MSE A 568 -15.41 -4.30 -13.39
CB MSE A 568 -15.61 -6.23 -15.62
CG MSE A 568 -15.34 -7.50 -14.83
SE MSE A 568 -13.64 -8.35 -15.30
CE MSE A 568 -12.43 -6.97 -14.64
N SER A 569 -17.28 -5.33 -12.67
CA SER A 569 -17.05 -5.03 -11.27
C SER A 569 -16.20 -6.12 -10.64
N VAL A 570 -15.32 -5.72 -9.73
CA VAL A 570 -14.38 -6.64 -9.10
C VAL A 570 -14.51 -6.51 -7.58
N ALA A 571 -14.61 -7.64 -6.89
CA ALA A 571 -14.67 -7.70 -5.43
C ALA A 571 -13.41 -8.40 -4.93
N LEU A 572 -12.42 -7.62 -4.51
CA LEU A 572 -11.17 -8.19 -4.02
C LEU A 572 -11.40 -8.87 -2.67
N GLY A 573 -10.59 -9.90 -2.41
CA GLY A 573 -10.69 -10.62 -1.16
C GLY A 573 -9.42 -11.41 -0.89
N LEU A 574 -9.43 -12.13 0.23
CA LEU A 574 -8.31 -12.97 0.64
C LEU A 574 -8.51 -14.44 0.29
N ARG A 575 -9.69 -14.98 0.56
CA ARG A 575 -9.99 -16.36 0.15
C ARG A 575 -9.94 -16.49 -1.36
N THR A 576 -10.68 -15.63 -2.06
CA THR A 576 -10.58 -15.49 -3.50
C THR A 576 -10.03 -14.10 -3.81
N SER A 577 -8.95 -14.05 -4.60
CA SER A 577 -8.28 -12.78 -4.85
C SER A 577 -9.20 -11.78 -5.55
N ALA A 578 -10.03 -12.26 -6.48
CA ALA A 578 -10.91 -11.37 -7.23
C ALA A 578 -12.17 -12.13 -7.63
N SER A 579 -13.31 -11.48 -7.47
CA SER A 579 -14.60 -11.99 -7.91
C SER A 579 -15.23 -10.95 -8.81
N ILE A 580 -15.58 -11.36 -10.03
CA ILE A 580 -15.99 -10.41 -11.06
C ILE A 580 -17.38 -10.75 -11.57
N SER A 581 -18.03 -9.75 -12.16
CA SER A 581 -19.31 -9.92 -12.83
C SER A 581 -19.40 -8.87 -13.93
N VAL A 582 -19.78 -9.30 -15.13
CA VAL A 582 -19.77 -8.45 -16.32
C VAL A 582 -21.20 -8.09 -16.68
N PHE A 583 -21.43 -6.82 -16.99
CA PHE A 583 -22.74 -6.33 -17.41
C PHE A 583 -22.60 -5.59 -18.73
N ARG A 584 -23.69 -5.62 -19.50
CA ARG A 584 -23.72 -5.03 -20.83
C ARG A 584 -24.87 -4.03 -20.92
N VAL A 585 -24.60 -2.86 -21.50
CA VAL A 585 -25.63 -1.86 -21.73
C VAL A 585 -26.37 -2.23 -23.01
N ALA A 586 -27.69 -2.43 -22.89
CA ALA A 586 -28.48 -2.85 -24.03
C ALA A 586 -29.91 -2.34 -23.86
N ARG A 587 -30.65 -2.32 -24.97
CA ARG A 587 -32.04 -1.94 -24.93
C ARG A 587 -32.86 -3.02 -24.24
N LYS A 588 -33.92 -2.60 -23.55
CA LYS A 588 -34.80 -3.56 -22.89
C LYS A 588 -35.53 -4.45 -23.89
N ASP A 589 -35.51 -4.10 -25.18
CA ASP A 589 -36.04 -4.97 -26.22
C ASP A 589 -35.12 -6.16 -26.41
N GLU A 590 -35.12 -7.08 -25.44
CA GLU A 590 -34.24 -8.25 -25.48
C GLU A 590 -35.06 -9.53 -25.61
N LEU A 591 -34.46 -10.66 -25.26
CA LEU A 591 -35.14 -11.95 -25.41
C LEU A 591 -34.54 -12.93 -24.40
N LYS A 592 -34.73 -14.21 -24.64
CA LYS A 592 -34.39 -15.27 -23.71
C LYS A 592 -33.03 -15.87 -24.03
N PRO A 593 -32.34 -16.45 -23.04
CA PRO A 593 -30.99 -16.94 -23.26
C PRO A 593 -30.95 -18.26 -24.03
N ASN A 594 -29.76 -18.55 -24.55
CA ASN A 594 -29.54 -19.71 -25.41
C ASN A 594 -29.91 -21.01 -24.70
N SER A 595 -29.51 -21.15 -23.44
CA SER A 595 -29.60 -22.44 -22.76
C SER A 595 -31.04 -22.87 -22.51
N LYS A 596 -31.69 -22.30 -21.47
CA LYS A 596 -33.03 -22.74 -21.09
C LYS A 596 -34.05 -21.58 -21.07
N GLY A 597 -33.79 -20.50 -21.79
CA GLY A 597 -34.75 -19.42 -21.91
C GLY A 597 -35.26 -18.84 -20.60
N ARG A 598 -34.33 -18.50 -19.72
CA ARG A 598 -34.64 -17.91 -18.42
C ARG A 598 -34.23 -16.44 -18.46
N VAL A 599 -35.22 -15.55 -18.34
CA VAL A 599 -35.05 -14.10 -18.49
C VAL A 599 -33.75 -13.66 -17.81
N PRO A 600 -32.90 -12.91 -18.52
CA PRO A 600 -31.60 -12.57 -17.96
C PRO A 600 -31.71 -11.53 -16.85
N PHE A 601 -30.79 -11.62 -15.90
CA PHE A 601 -30.74 -10.66 -14.80
C PHE A 601 -30.23 -9.32 -15.32
N PHE A 602 -30.94 -8.25 -14.97
CA PHE A 602 -30.57 -6.92 -15.43
C PHE A 602 -30.89 -5.89 -14.37
N PHE A 603 -30.23 -4.74 -14.46
CA PHE A 603 -30.41 -3.59 -13.59
C PHE A 603 -30.96 -2.40 -14.38
N PRO A 604 -31.88 -1.64 -13.80
CA PRO A 604 -32.34 -0.42 -14.47
C PRO A 604 -31.26 0.66 -14.45
N ILE A 605 -31.22 1.45 -15.52
CA ILE A 605 -30.25 2.52 -15.69
C ILE A 605 -30.96 3.85 -15.46
N LYS A 606 -30.38 4.70 -14.62
CA LYS A 606 -30.96 6.01 -14.36
C LYS A 606 -31.00 6.85 -15.62
N GLY A 607 -32.11 7.55 -15.81
CA GLY A 607 -32.27 8.42 -16.97
C GLY A 607 -32.89 7.72 -18.16
N ASN A 608 -32.20 6.72 -18.70
CA ASN A 608 -32.68 6.01 -19.88
C ASN A 608 -33.63 4.89 -19.45
N ASP A 609 -34.88 4.99 -19.89
CA ASP A 609 -35.87 3.94 -19.63
C ASP A 609 -35.88 2.86 -20.69
N ASN A 610 -35.25 3.10 -21.84
CA ASN A 610 -35.14 2.09 -22.89
C ASN A 610 -33.93 1.18 -22.71
N LEU A 611 -32.96 1.58 -21.90
CA LEU A 611 -31.72 0.84 -21.74
C LEU A 611 -31.62 0.26 -20.34
N VAL A 612 -31.05 -0.93 -20.25
CA VAL A 612 -30.79 -1.61 -18.99
C VAL A 612 -29.36 -2.14 -19.00
N ALA A 613 -28.95 -2.73 -17.89
CA ALA A 613 -27.62 -3.32 -17.74
C ALA A 613 -27.79 -4.83 -17.58
N VAL A 614 -27.57 -5.57 -18.65
CA VAL A 614 -27.81 -7.01 -18.68
C VAL A 614 -26.58 -7.73 -18.16
N HIS A 615 -26.80 -8.68 -17.24
CA HIS A 615 -25.70 -9.47 -16.70
C HIS A 615 -25.21 -10.46 -17.75
N GLU A 616 -23.90 -10.49 -17.97
CA GLU A 616 -23.29 -11.37 -18.95
C GLU A 616 -22.69 -12.63 -18.31
N ARG A 617 -21.85 -12.47 -17.31
CA ARG A 617 -21.19 -13.61 -16.67
C ARG A 617 -20.65 -13.19 -15.32
N SER A 618 -20.51 -14.17 -14.42
CA SER A 618 -19.89 -13.99 -13.13
C SER A 618 -18.87 -15.09 -12.92
N GLN A 619 -17.71 -14.72 -12.39
CA GLN A 619 -16.61 -15.67 -12.24
C GLN A 619 -15.82 -15.35 -10.98
N LEU A 620 -15.14 -16.38 -10.47
CA LEU A 620 -14.21 -16.24 -9.36
C LEU A 620 -12.80 -16.34 -9.91
N LEU A 621 -12.11 -15.20 -9.98
CA LEU A 621 -10.74 -15.15 -10.50
C LEU A 621 -9.77 -15.59 -9.41
N LYS A 622 -9.77 -16.89 -9.17
CA LYS A 622 -8.91 -17.49 -8.15
C LYS A 622 -7.49 -17.60 -8.69
N LEU A 623 -6.54 -17.02 -7.98
CA LEU A 623 -5.13 -17.28 -8.26
C LEU A 623 -4.80 -18.72 -7.86
N PRO A 624 -3.76 -19.31 -8.45
CA PRO A 624 -3.40 -20.69 -8.09
C PRO A 624 -3.13 -20.82 -6.60
N GLY A 625 -3.72 -21.86 -6.00
CA GLY A 625 -3.59 -22.12 -4.59
C GLY A 625 -4.80 -21.73 -3.77
N GLU A 626 -5.78 -21.04 -4.36
CA GLU A 626 -6.99 -20.64 -3.66
C GLU A 626 -8.11 -21.67 -3.81
N THR A 627 -7.78 -22.91 -4.14
CA THR A 627 -8.72 -24.01 -4.16
C THR A 627 -8.61 -24.79 -2.85
N GLU A 628 -9.35 -25.89 -2.76
CA GLU A 628 -9.39 -26.69 -1.54
C GLU A 628 -9.95 -28.07 -1.85
N SER A 629 -9.37 -29.08 -1.22
CA SER A 629 -9.84 -30.45 -1.36
C SER A 629 -9.42 -31.24 -0.13
N LYS A 630 -9.72 -32.53 -0.14
CA LYS A 630 -9.36 -33.39 0.99
C LYS A 630 -7.86 -33.59 1.06
N ASP A 631 -7.21 -33.85 -0.08
CA ASP A 631 -5.77 -34.06 -0.09
C ASP A 631 -5.02 -32.74 0.09
N LEU A 632 -5.54 -31.65 -0.48
CA LEU A 632 -4.90 -30.35 -0.30
C LEU A 632 -4.96 -29.92 1.17
N ARG A 633 -6.10 -30.13 1.82
CA ARG A 633 -6.22 -29.78 3.23
C ARG A 633 -5.25 -30.56 4.09
N ALA A 634 -4.98 -31.82 3.73
CA ALA A 634 -4.06 -32.63 4.51
C ALA A 634 -2.62 -32.17 4.33
N ILE A 635 -2.21 -31.88 3.09
CA ILE A 635 -0.84 -31.45 2.84
C ILE A 635 -0.56 -30.13 3.52
N ARG A 636 -1.55 -29.23 3.55
CA ARG A 636 -1.36 -27.93 4.17
C ARG A 636 -1.24 -28.04 5.69
N GLU A 637 -1.82 -29.09 6.28
CA GLU A 637 -1.64 -29.33 7.70
C GLU A 637 -0.28 -29.95 8.00
N GLU A 638 0.20 -30.83 7.11
CA GLU A 638 1.50 -31.46 7.32
C GLU A 638 2.65 -30.50 7.07
N ARG A 639 2.48 -29.55 6.14
CA ARG A 639 3.53 -28.59 5.85
C ARG A 639 3.83 -27.69 7.04
N GLN A 640 2.89 -27.57 7.99
CA GLN A 640 3.07 -26.76 9.19
C GLN A 640 3.01 -27.59 10.46
N ARG A 641 3.18 -28.91 10.35
CA ARG A 641 3.08 -29.77 11.52
C ARG A 641 4.25 -29.52 12.48
N THR A 642 5.48 -29.72 12.01
CA THR A 642 6.63 -29.51 12.87
C THR A 642 6.79 -28.06 13.29
N LEU A 643 6.33 -27.13 12.46
CA LEU A 643 6.41 -25.71 12.82
C LEU A 643 5.52 -25.39 14.02
N ARG A 644 4.28 -25.88 14.00
CA ARG A 644 3.38 -25.66 15.13
C ARG A 644 3.83 -26.43 16.37
N GLN A 645 4.57 -27.52 16.19
CA GLN A 645 5.15 -28.22 17.33
C GLN A 645 6.21 -27.37 18.01
N LEU A 646 7.17 -26.86 17.23
CA LEU A 646 8.26 -26.08 17.80
C LEU A 646 7.76 -24.79 18.44
N ARG A 647 6.69 -24.20 17.89
CA ARG A 647 6.16 -22.97 18.45
C ARG A 647 5.62 -23.19 19.86
N THR A 648 4.89 -24.30 20.07
CA THR A 648 4.34 -24.56 21.39
C THR A 648 5.42 -25.04 22.36
N GLN A 649 6.44 -25.73 21.86
CA GLN A 649 7.54 -26.14 22.73
C GLN A 649 8.31 -24.94 23.25
N LEU A 650 8.44 -23.89 22.43
CA LEU A 650 9.12 -22.68 22.87
C LEU A 650 8.29 -21.97 23.95
N ALA A 651 6.97 -22.01 23.83
CA ALA A 651 6.11 -21.33 24.81
C ALA A 651 6.27 -21.93 26.20
N TYR A 652 6.45 -23.25 26.28
CA TYR A 652 6.66 -23.90 27.56
C TYR A 652 8.10 -23.79 28.04
N LEU A 653 9.05 -23.58 27.13
CA LEU A 653 10.42 -23.29 27.56
C LEU A 653 10.49 -21.98 28.32
N ARG A 654 9.76 -20.96 27.84
CA ARG A 654 9.75 -19.68 28.54
C ARG A 654 9.08 -19.78 29.90
N LEU A 655 8.10 -20.68 30.05
CA LEU A 655 7.51 -20.91 31.36
C LEU A 655 8.53 -21.50 32.33
N LEU A 656 9.42 -22.36 31.83
CA LEU A 656 10.45 -22.94 32.66
C LEU A 656 11.50 -21.90 33.06
N VAL A 657 11.80 -20.95 32.16
CA VAL A 657 12.79 -19.92 32.46
C VAL A 657 12.30 -19.01 33.58
N ARG A 658 11.00 -18.70 33.58
CA ARG A 658 10.44 -17.86 34.64
C ARG A 658 10.54 -18.51 36.01
N CYS A 659 10.64 -19.84 36.07
CA CYS A 659 10.86 -20.52 37.34
C CYS A 659 12.22 -20.21 37.94
N GLY A 660 13.16 -19.74 37.12
CA GLY A 660 14.47 -19.36 37.62
C GLY A 660 14.58 -17.87 37.87
N SER A 661 13.45 -17.22 38.15
CA SER A 661 13.44 -15.79 38.42
C SER A 661 13.98 -15.52 39.82
N GLU A 662 14.43 -14.28 40.02
CA GLU A 662 14.86 -13.80 41.33
C GLU A 662 13.72 -13.21 42.13
N ASP A 663 12.50 -13.28 41.61
CA ASP A 663 11.32 -12.68 42.25
C ASP A 663 10.45 -13.80 42.81
N VAL A 664 10.47 -13.97 44.13
CA VAL A 664 9.52 -14.85 44.78
C VAL A 664 8.12 -14.30 44.59
N GLY A 665 7.22 -15.15 44.12
CA GLY A 665 5.92 -14.73 43.65
C GLY A 665 5.78 -14.71 42.14
N ARG A 666 6.91 -14.68 41.42
CA ARG A 666 6.94 -14.90 39.98
C ARG A 666 7.27 -16.35 39.65
N ARG A 667 8.39 -16.85 40.19
CA ARG A 667 8.75 -18.25 39.98
C ARG A 667 7.77 -19.19 40.65
N GLU A 668 7.19 -18.78 41.78
CA GLU A 668 6.21 -19.64 42.45
C GLU A 668 4.91 -19.71 41.65
N ARG A 669 4.44 -18.58 41.13
CA ARG A 669 3.26 -18.61 40.26
C ARG A 669 3.57 -19.29 38.93
N SER A 670 4.82 -19.20 38.47
CA SER A 670 5.19 -19.88 37.23
C SER A 670 5.40 -21.38 37.45
N TRP A 671 6.05 -21.76 38.56
CA TRP A 671 6.21 -23.16 38.88
C TRP A 671 4.86 -23.83 39.15
N ALA A 672 3.88 -23.06 39.60
CA ALA A 672 2.54 -23.61 39.79
C ALA A 672 1.91 -24.00 38.46
N LYS A 673 2.11 -23.19 37.42
CA LYS A 673 1.51 -23.47 36.12
C LYS A 673 2.14 -24.67 35.45
N LEU A 674 3.31 -25.13 35.90
CA LEU A 674 3.98 -26.26 35.27
C LEU A 674 3.59 -27.60 35.90
N ILE A 675 3.40 -27.64 37.21
CA ILE A 675 3.11 -28.91 37.89
C ILE A 675 1.63 -29.13 38.14
N GLU A 676 0.80 -28.08 38.11
CA GLU A 676 -0.62 -28.24 38.36
C GLU A 676 -1.30 -29.07 37.28
N GLN A 677 -0.92 -28.86 36.03
CA GLN A 677 -1.54 -29.52 34.89
C GLN A 677 -0.58 -30.49 34.23
N PRO A 678 -1.10 -31.49 33.51
CA PRO A 678 -0.23 -32.31 32.65
C PRO A 678 0.45 -31.46 31.60
N VAL A 679 1.48 -32.04 30.99
CA VAL A 679 2.37 -31.25 30.12
C VAL A 679 1.67 -30.93 28.80
N ASP A 680 1.22 -31.96 28.07
CA ASP A 680 0.69 -31.79 26.73
C ASP A 680 -0.55 -32.68 26.57
N ALA A 681 -1.69 -32.19 27.08
CA ALA A 681 -2.94 -32.92 26.90
C ALA A 681 -3.43 -32.85 25.46
N ALA A 682 -3.14 -31.74 24.77
CA ALA A 682 -3.51 -31.60 23.37
C ALA A 682 -2.53 -32.29 22.43
N ASN A 683 -1.39 -32.76 22.95
CA ASN A 683 -0.39 -33.48 22.15
C ASN A 683 0.13 -32.64 20.99
N HIS A 684 0.40 -31.37 21.27
CA HIS A 684 0.89 -30.44 20.26
C HIS A 684 2.40 -30.48 20.09
N MSE A 685 3.13 -31.01 21.07
CA MSE A 685 4.59 -31.03 20.99
C MSE A 685 5.10 -32.32 20.35
O MSE A 685 4.34 -33.26 20.10
CB MSE A 685 5.21 -30.89 22.38
CG MSE A 685 4.63 -29.76 23.22
SE MSE A 685 5.41 -29.72 25.00
CE MSE A 685 4.11 -28.56 25.86
N THR A 686 6.41 -32.35 20.08
CA THR A 686 7.03 -33.58 19.63
C THR A 686 7.13 -34.57 20.78
N PRO A 687 7.15 -35.88 20.50
CA PRO A 687 7.20 -36.86 21.59
C PRO A 687 8.51 -36.84 22.37
N ASP A 688 9.64 -36.86 21.66
CA ASP A 688 10.92 -37.02 22.33
C ASP A 688 11.29 -35.80 23.17
N TRP A 689 11.04 -34.60 22.66
CA TRP A 689 11.34 -33.40 23.44
C TRP A 689 10.40 -33.26 24.63
N ARG A 690 9.14 -33.67 24.47
CA ARG A 690 8.20 -33.62 25.58
C ARG A 690 8.64 -34.56 26.71
N GLU A 691 9.16 -35.73 26.36
CA GLU A 691 9.65 -36.66 27.38
C GLU A 691 10.84 -36.06 28.12
N ALA A 692 11.74 -35.39 27.40
CA ALA A 692 12.87 -34.73 28.06
C ALA A 692 12.40 -33.59 28.95
N PHE A 693 11.34 -32.89 28.56
CA PHE A 693 10.81 -31.82 29.39
C PHE A 693 10.12 -32.37 30.62
N GLU A 694 9.47 -33.54 30.51
CA GLU A 694 8.85 -34.18 31.67
C GLU A 694 9.90 -34.65 32.67
N ASN A 695 11.05 -35.10 32.17
CA ASN A 695 12.11 -35.56 33.07
C ASN A 695 12.64 -34.41 33.93
N GLU A 696 12.84 -33.24 33.33
CA GLU A 696 13.36 -32.11 34.07
C GLU A 696 12.33 -31.59 35.08
N LEU A 697 11.05 -31.62 34.73
CA LEU A 697 10.02 -31.19 35.67
C LEU A 697 9.97 -32.09 36.89
N GLN A 698 9.88 -33.41 36.68
CA GLN A 698 9.87 -34.34 37.80
C GLN A 698 11.17 -34.29 38.59
N LYS A 699 12.28 -33.92 37.93
CA LYS A 699 13.54 -33.74 38.64
C LYS A 699 13.48 -32.51 39.55
N LEU A 700 12.89 -31.41 39.06
CA LEU A 700 12.74 -30.22 39.87
C LEU A 700 11.66 -30.38 40.93
N LYS A 701 10.67 -31.24 40.69
CA LYS A 701 9.65 -31.50 41.70
C LYS A 701 10.25 -32.17 42.92
N SER A 702 11.29 -32.98 42.75
CA SER A 702 12.00 -33.59 43.87
C SER A 702 12.99 -32.64 44.52
N LEU A 703 13.04 -31.37 44.08
CA LEU A 703 13.92 -30.38 44.66
C LEU A 703 13.20 -29.12 45.11
N HIS A 704 11.96 -28.90 44.65
CA HIS A 704 11.20 -27.73 45.05
C HIS A 704 10.84 -27.79 46.53
N GLY A 705 11.20 -26.75 47.28
CA GLY A 705 11.04 -26.67 48.72
C GLY A 705 12.10 -27.40 49.54
N ILE A 706 12.65 -28.47 48.98
CA ILE A 706 13.70 -29.22 49.67
C ILE A 706 15.00 -28.43 49.66
N CYS A 707 15.34 -27.82 48.52
CA CYS A 707 16.64 -27.21 48.32
C CYS A 707 16.59 -25.71 48.64
N SER A 708 17.72 -25.05 48.45
CA SER A 708 17.83 -23.61 48.67
C SER A 708 17.60 -22.85 47.37
N ASP A 709 17.48 -21.53 47.48
CA ASP A 709 17.14 -20.70 46.34
C ASP A 709 18.24 -20.72 45.28
N LYS A 710 19.46 -20.35 45.67
CA LYS A 710 20.56 -20.28 44.71
C LYS A 710 21.03 -21.66 44.25
N GLU A 711 20.55 -22.73 44.87
CA GLU A 711 20.80 -24.08 44.39
C GLU A 711 19.67 -24.62 43.53
N TRP A 712 18.42 -24.21 43.81
CA TRP A 712 17.31 -24.58 42.95
C TRP A 712 17.36 -23.80 41.63
N MSE A 713 17.68 -22.51 41.70
CA MSE A 713 17.76 -21.67 40.51
C MSE A 713 18.87 -22.15 39.58
O MSE A 713 18.74 -22.08 38.36
CB MSE A 713 18.00 -20.21 40.90
CG MSE A 713 16.96 -19.24 40.35
SE MSE A 713 17.23 -17.41 41.01
CE MSE A 713 16.92 -17.72 42.91
N ASP A 714 19.96 -22.65 40.17
CA ASP A 714 21.05 -23.18 39.36
C ASP A 714 20.63 -24.44 38.62
N ALA A 715 19.76 -25.26 39.22
CA ALA A 715 19.28 -26.45 38.54
C ALA A 715 18.26 -26.11 37.46
N VAL A 716 17.47 -25.06 37.68
CA VAL A 716 16.50 -24.64 36.66
C VAL A 716 17.21 -24.20 35.40
N TYR A 717 18.27 -23.40 35.55
CA TYR A 717 19.02 -22.92 34.39
C TYR A 717 19.79 -24.06 33.71
N GLU A 718 20.21 -25.07 34.47
CA GLU A 718 20.88 -26.21 33.86
C GLU A 718 19.89 -27.10 33.12
N SER A 719 18.65 -27.21 33.62
CA SER A 719 17.63 -27.96 32.90
C SER A 719 17.13 -27.21 31.67
N VAL A 720 17.28 -25.88 31.64
CA VAL A 720 16.91 -25.12 30.46
C VAL A 720 17.90 -25.37 29.33
N ARG A 721 19.20 -25.48 29.66
CA ARG A 721 20.20 -25.73 28.62
C ARG A 721 19.98 -27.09 27.97
N ARG A 722 19.73 -28.13 28.77
CA ARG A 722 19.50 -29.45 28.22
C ARG A 722 18.31 -29.45 27.27
N VAL A 723 17.23 -28.78 27.65
CA VAL A 723 16.03 -28.75 26.82
C VAL A 723 16.20 -27.81 25.63
N TRP A 724 16.92 -26.70 25.80
CA TRP A 724 17.15 -25.78 24.69
C TRP A 724 18.15 -26.36 23.70
N ARG A 725 19.19 -27.04 24.19
CA ARG A 725 20.12 -27.71 23.30
C ARG A 725 19.47 -28.88 22.59
N HIS A 726 18.46 -29.50 23.22
CA HIS A 726 17.72 -30.57 22.57
C HIS A 726 16.86 -30.02 21.44
N MSE A 727 16.05 -29.01 21.74
CA MSE A 727 15.17 -28.42 20.73
C MSE A 727 16.00 -27.71 19.66
O MSE A 727 15.54 -27.53 18.53
CB MSE A 727 14.18 -27.43 21.36
CG MSE A 727 13.00 -27.10 20.47
SE MSE A 727 12.16 -25.39 20.89
CE MSE A 727 11.80 -25.68 22.78
N GLY A 728 17.21 -27.29 20.02
CA GLY A 728 18.10 -26.68 19.05
C GLY A 728 18.41 -27.59 17.89
N LYS A 729 18.63 -28.87 18.16
CA LYS A 729 18.85 -29.83 17.09
C LYS A 729 17.58 -30.04 16.27
N GLN A 730 16.41 -29.92 16.89
CA GLN A 730 15.15 -30.05 16.15
C GLN A 730 14.97 -28.89 15.18
N VAL A 731 15.28 -27.67 15.63
CA VAL A 731 15.19 -26.51 14.74
C VAL A 731 16.21 -26.62 13.61
N ARG A 732 17.36 -27.24 13.87
CA ARG A 732 18.37 -27.42 12.83
C ARG A 732 17.87 -28.37 11.75
N ASP A 733 17.28 -29.50 12.15
CA ASP A 733 16.80 -30.47 11.18
C ASP A 733 15.58 -29.96 10.42
N TRP A 734 14.73 -29.17 11.07
CA TRP A 734 13.57 -28.60 10.40
C TRP A 734 14.00 -27.68 9.26
N ARG A 735 14.95 -26.79 9.53
CA ARG A 735 15.42 -25.88 8.50
C ARG A 735 16.09 -26.64 7.36
N LYS A 736 16.84 -27.70 7.68
CA LYS A 736 17.47 -28.50 6.64
C LYS A 736 16.44 -29.05 5.67
N ASP A 737 15.29 -29.49 6.17
CA ASP A 737 14.23 -30.00 5.33
C ASP A 737 13.46 -28.91 4.60
N VAL A 738 13.64 -27.64 4.98
CA VAL A 738 12.96 -26.54 4.31
C VAL A 738 13.73 -26.06 3.10
N ARG A 739 15.05 -25.87 3.23
CA ARG A 739 15.85 -25.47 2.06
C ARG A 739 16.18 -26.67 1.19
N SER A 740 16.94 -27.62 1.72
CA SER A 740 17.40 -28.76 0.94
C SER A 740 16.35 -29.86 0.80
N GLY A 741 15.20 -29.72 1.45
CA GLY A 741 14.19 -30.77 1.42
C GLY A 741 13.70 -31.04 0.03
N GLU A 742 13.35 -32.31 -0.23
CA GLU A 742 12.90 -32.75 -1.54
C GLU A 742 11.39 -32.93 -1.51
N ARG A 743 10.69 -31.82 -1.67
CA ARG A 743 9.23 -31.92 -1.75
C ARG A 743 8.78 -31.96 -3.20
N PRO A 744 7.62 -32.55 -3.48
CA PRO A 744 7.15 -32.64 -4.87
C PRO A 744 6.98 -31.26 -5.49
N LYS A 745 7.39 -31.15 -6.76
CA LYS A 745 7.33 -29.89 -7.50
C LYS A 745 6.56 -30.10 -8.79
N ILE A 746 5.78 -29.10 -9.17
CA ILE A 746 4.88 -29.20 -10.31
C ILE A 746 5.69 -29.08 -11.60
N ARG A 747 5.21 -29.76 -12.65
CA ARG A 747 5.80 -29.68 -13.98
C ARG A 747 4.69 -29.30 -14.96
N GLY A 748 4.90 -28.21 -15.68
CA GLY A 748 3.88 -27.71 -16.57
C GLY A 748 2.78 -26.98 -15.82
N TYR A 749 1.64 -26.82 -16.49
CA TYR A 749 0.48 -26.21 -15.87
C TYR A 749 -0.30 -27.26 -15.08
N ALA A 750 -0.84 -26.86 -13.94
CA ALA A 750 -1.64 -27.75 -13.12
C ALA A 750 -2.49 -26.93 -12.16
N LYS A 751 -3.79 -27.23 -12.12
CA LYS A 751 -4.67 -26.60 -11.15
C LYS A 751 -4.62 -27.35 -9.82
N ASP A 752 -5.24 -26.75 -8.81
CA ASP A 752 -5.26 -27.33 -7.48
C ASP A 752 -3.85 -27.57 -6.95
N VAL A 753 -3.15 -26.51 -6.59
CA VAL A 753 -1.81 -26.61 -6.07
C VAL A 753 -1.84 -26.40 -4.55
N VAL A 754 -0.70 -26.61 -3.90
CA VAL A 754 -0.61 -26.48 -2.46
C VAL A 754 -0.80 -25.02 -2.06
N GLY A 755 0.14 -24.15 -2.44
CA GLY A 755 0.06 -22.76 -2.08
C GLY A 755 -0.05 -21.81 -3.26
N GLY A 756 0.88 -21.92 -4.21
CA GLY A 756 0.79 -21.08 -5.39
C GLY A 756 0.99 -19.62 -5.05
N ASN A 757 0.03 -18.80 -5.48
CA ASN A 757 0.03 -17.36 -5.20
C ASN A 757 -1.08 -16.99 -4.21
N SER A 758 -1.29 -17.84 -3.21
CA SER A 758 -2.35 -17.64 -2.25
C SER A 758 -1.82 -16.91 -1.01
N ILE A 759 -2.74 -16.29 -0.28
CA ILE A 759 -2.38 -15.60 0.96
C ILE A 759 -1.80 -16.58 1.96
N GLU A 760 -2.35 -17.80 2.01
CA GLU A 760 -1.91 -18.78 3.00
C GLU A 760 -0.45 -19.16 2.80
N GLN A 761 -0.01 -19.29 1.54
CA GLN A 761 1.37 -19.69 1.29
C GLN A 761 2.35 -18.60 1.69
N ILE A 762 1.99 -17.34 1.45
CA ILE A 762 2.83 -16.23 1.90
C ILE A 762 2.90 -16.20 3.41
N GLU A 763 1.77 -16.41 4.09
CA GLU A 763 1.78 -16.48 5.55
C GLU A 763 2.44 -17.75 6.05
N TYR A 764 2.46 -18.82 5.25
CA TYR A 764 3.25 -19.99 5.59
C TYR A 764 4.73 -19.66 5.65
N LEU A 765 5.18 -18.76 4.77
CA LEU A 765 6.55 -18.27 4.83
C LEU A 765 6.71 -17.29 5.99
N GLU A 766 5.75 -16.39 6.16
CA GLU A 766 5.81 -15.43 7.26
C GLU A 766 5.84 -16.12 8.61
N ARG A 767 5.11 -17.24 8.74
CA ARG A 767 5.10 -17.97 10.01
C ARG A 767 6.49 -18.51 10.34
N GLN A 768 7.25 -18.91 9.31
CA GLN A 768 8.61 -19.40 9.56
C GLN A 768 9.51 -18.27 10.04
N TYR A 769 9.37 -17.08 9.45
CA TYR A 769 10.18 -15.94 9.86
C TYR A 769 9.85 -15.51 11.27
N LYS A 770 8.56 -15.50 11.63
CA LYS A 770 8.17 -15.07 12.97
C LYS A 770 8.72 -16.01 14.03
N PHE A 771 8.74 -17.32 13.76
CA PHE A 771 9.24 -18.27 14.75
C PHE A 771 10.75 -18.17 14.89
N LEU A 772 11.46 -18.12 13.75
CA LEU A 772 12.93 -18.01 13.81
C LEU A 772 13.35 -16.74 14.52
N LYS A 773 12.63 -15.64 14.28
CA LYS A 773 12.88 -14.41 15.03
C LYS A 773 12.66 -14.64 16.53
N SER A 774 11.61 -15.39 16.88
CA SER A 774 11.34 -15.69 18.29
C SER A 774 12.33 -16.71 18.84
N TRP A 775 12.86 -17.58 17.98
CA TRP A 775 13.79 -18.61 18.45
C TRP A 775 15.17 -18.04 18.71
N SER A 776 15.62 -17.09 17.88
CA SER A 776 16.94 -16.51 18.06
C SER A 776 16.97 -15.51 19.22
N PHE A 777 15.87 -14.77 19.41
CA PHE A 777 15.79 -13.77 20.47
C PHE A 777 15.19 -14.34 21.75
N PHE A 778 14.98 -15.65 21.82
CA PHE A 778 14.56 -16.28 23.06
C PHE A 778 15.64 -16.14 24.12
N GLY A 779 15.24 -15.73 25.33
CA GLY A 779 16.18 -15.47 26.40
C GLY A 779 16.18 -16.58 27.43
N LYS A 780 17.39 -17.00 27.82
CA LYS A 780 17.55 -18.03 28.85
C LYS A 780 17.50 -17.46 30.26
N VAL A 781 17.51 -16.15 30.42
CA VAL A 781 17.42 -15.50 31.72
C VAL A 781 16.06 -14.82 31.82
N SER A 782 15.33 -15.11 32.89
CA SER A 782 13.98 -14.59 33.04
C SER A 782 14.00 -13.07 33.23
N GLY A 783 13.18 -12.37 32.46
CA GLY A 783 13.01 -10.95 32.61
C GLY A 783 13.91 -10.09 31.75
N GLN A 784 14.82 -10.68 30.97
CA GLN A 784 15.73 -9.91 30.15
C GLN A 784 15.13 -9.64 28.78
N VAL A 785 15.37 -8.44 28.25
CA VAL A 785 14.88 -8.03 26.94
C VAL A 785 15.99 -8.23 25.92
N ILE A 786 15.68 -8.91 24.82
CA ILE A 786 16.63 -9.17 23.74
C ILE A 786 16.03 -8.64 22.46
N ARG A 787 16.55 -7.52 21.97
CA ARG A 787 16.17 -6.94 20.70
C ARG A 787 17.32 -7.09 19.70
N ALA A 788 17.00 -6.88 18.42
CA ALA A 788 18.02 -6.93 17.39
C ALA A 788 18.99 -5.77 17.54
N GLU A 789 20.19 -5.97 17.01
CA GLU A 789 21.23 -4.96 17.13
C GLU A 789 21.00 -3.84 16.12
N LYS A 790 21.68 -2.71 16.34
CA LYS A 790 21.39 -1.45 15.65
C LYS A 790 21.62 -1.49 14.13
N GLY A 791 22.06 -2.60 13.56
CA GLY A 791 22.25 -2.65 12.12
C GLY A 791 22.17 -4.04 11.54
N SER A 792 21.65 -4.98 12.33
CA SER A 792 21.64 -6.37 11.95
C SER A 792 20.59 -6.63 10.87
N ARG A 793 20.74 -7.78 10.21
CA ARG A 793 19.74 -8.30 9.29
C ARG A 793 19.41 -9.73 9.68
N PHE A 794 18.15 -10.12 9.51
CA PHE A 794 17.67 -11.42 9.95
C PHE A 794 16.96 -12.12 8.80
N ALA A 795 17.36 -13.36 8.53
CA ALA A 795 16.74 -14.20 7.51
C ALA A 795 16.65 -13.46 6.17
N ILE A 796 17.82 -13.05 5.68
CA ILE A 796 17.88 -12.23 4.47
C ILE A 796 17.29 -12.99 3.28
N THR A 797 17.69 -14.26 3.13
CA THR A 797 17.23 -15.04 1.98
C THR A 797 15.74 -15.37 2.08
N LEU A 798 15.25 -15.62 3.29
CA LEU A 798 13.82 -15.91 3.46
C LEU A 798 13.00 -14.64 3.30
N ARG A 799 13.50 -13.51 3.83
CA ARG A 799 12.76 -12.25 3.70
C ARG A 799 12.64 -11.82 2.25
N GLU A 800 13.72 -11.95 1.48
CA GLU A 800 13.66 -11.62 0.06
C GLU A 800 12.70 -12.55 -0.68
N HIS A 801 12.58 -13.80 -0.22
CA HIS A 801 11.65 -14.73 -0.87
C HIS A 801 10.20 -14.35 -0.58
N ILE A 802 9.90 -13.91 0.65
CA ILE A 802 8.54 -13.49 0.98
C ILE A 802 8.17 -12.24 0.17
N ASP A 803 9.10 -11.31 0.03
CA ASP A 803 8.83 -10.11 -0.74
C ASP A 803 8.65 -10.43 -2.22
N HIS A 804 9.48 -11.31 -2.77
CA HIS A 804 9.30 -11.75 -4.15
C HIS A 804 8.01 -12.54 -4.31
N ALA A 805 7.56 -13.21 -3.25
CA ALA A 805 6.28 -13.92 -3.32
C ALA A 805 5.11 -12.96 -3.43
N LYS A 806 5.13 -11.89 -2.63
CA LYS A 806 4.05 -10.91 -2.68
C LYS A 806 4.08 -10.13 -3.99
N GLU A 807 5.28 -9.83 -4.49
CA GLU A 807 5.41 -9.10 -5.75
C GLU A 807 4.84 -9.89 -6.91
N ASP A 808 5.10 -11.21 -6.93
CA ASP A 808 4.59 -12.04 -8.01
C ASP A 808 3.09 -12.23 -7.91
N ARG A 809 2.56 -12.32 -6.68
CA ARG A 809 1.12 -12.40 -6.50
C ARG A 809 0.42 -11.13 -6.97
N LEU A 810 1.01 -9.97 -6.64
CA LEU A 810 0.39 -8.69 -6.99
C LEU A 810 0.28 -8.53 -8.51
N LYS A 811 1.37 -8.82 -9.23
CA LYS A 811 1.36 -8.64 -10.67
C LYS A 811 0.44 -9.64 -11.36
N LYS A 812 0.45 -10.89 -10.91
CA LYS A 812 -0.42 -11.89 -11.53
C LYS A 812 -1.89 -11.65 -11.21
N LEU A 813 -2.18 -11.03 -10.06
CA LEU A 813 -3.56 -10.67 -9.74
C LEU A 813 -4.06 -9.60 -10.71
N ALA A 814 -3.28 -8.54 -10.91
CA ALA A 814 -3.71 -7.46 -11.79
C ALA A 814 -3.83 -7.94 -13.22
N ASP A 815 -2.95 -8.85 -13.65
CA ASP A 815 -3.01 -9.34 -15.02
C ASP A 815 -4.25 -10.21 -15.24
N ARG A 816 -4.61 -11.03 -14.25
CA ARG A 816 -5.82 -11.83 -14.36
C ARG A 816 -7.05 -10.95 -14.50
N ILE A 817 -7.12 -9.87 -13.71
CA ILE A 817 -8.27 -8.97 -13.76
C ILE A 817 -8.36 -8.32 -15.14
N ILE A 818 -7.23 -7.91 -15.70
CA ILE A 818 -7.24 -7.21 -16.98
C ILE A 818 -7.50 -8.16 -18.14
N MSE A 819 -6.93 -9.36 -18.09
CA MSE A 819 -7.16 -10.35 -19.13
C MSE A 819 -8.64 -10.75 -19.19
O MSE A 819 -9.18 -11.00 -20.27
CB MSE A 819 -6.29 -11.59 -18.92
CG MSE A 819 -4.82 -11.36 -19.20
SE MSE A 819 -4.52 -10.75 -21.03
CE MSE A 819 -2.70 -10.08 -20.84
N GLU A 820 -9.27 -10.81 -18.02
CA GLU A 820 -10.70 -11.09 -17.97
C GLU A 820 -11.52 -9.92 -18.50
N ALA A 821 -11.13 -8.70 -18.14
CA ALA A 821 -11.85 -7.52 -18.63
C ALA A 821 -11.76 -7.42 -20.15
N LEU A 822 -10.58 -7.66 -20.72
CA LEU A 822 -10.41 -7.65 -22.17
C LEU A 822 -11.10 -8.81 -22.85
N GLY A 823 -11.59 -9.80 -22.10
CA GLY A 823 -12.29 -10.93 -22.68
C GLY A 823 -11.44 -12.12 -23.00
N TYR A 824 -10.27 -12.25 -22.39
CA TYR A 824 -9.35 -13.35 -22.65
C TYR A 824 -9.40 -14.35 -21.52
N VAL A 825 -9.34 -15.64 -21.88
CA VAL A 825 -9.38 -16.73 -20.92
C VAL A 825 -8.26 -17.71 -21.24
N TYR A 826 -7.47 -18.07 -20.25
CA TYR A 826 -6.41 -19.06 -20.41
C TYR A 826 -7.03 -20.44 -20.36
N ALA A 827 -7.14 -21.09 -21.52
CA ALA A 827 -7.80 -22.38 -21.65
C ALA A 827 -6.79 -23.46 -22.03
N LEU A 828 -7.06 -24.68 -21.58
CA LEU A 828 -6.19 -25.82 -21.83
C LEU A 828 -6.68 -26.60 -23.05
N ASP A 829 -5.73 -27.27 -23.71
CA ASP A 829 -6.04 -28.06 -24.90
C ASP A 829 -5.44 -29.46 -24.78
N GLU A 830 -4.33 -29.57 -24.04
CA GLU A 830 -3.53 -30.79 -23.90
C GLU A 830 -2.88 -31.18 -25.23
N ARG A 831 -3.34 -30.59 -26.33
CA ARG A 831 -2.59 -30.58 -27.58
C ARG A 831 -1.81 -29.29 -27.76
N GLY A 832 -2.16 -28.23 -27.04
CA GLY A 832 -1.38 -27.02 -26.97
C GLY A 832 -1.00 -26.70 -25.54
N LYS A 833 -1.79 -27.21 -24.59
CA LYS A 833 -1.51 -27.11 -23.16
C LYS A 833 -1.43 -25.65 -22.71
N GLY A 834 -2.60 -25.02 -22.68
CA GLY A 834 -2.70 -23.67 -22.17
C GLY A 834 -2.36 -22.59 -23.18
N LYS A 835 -3.33 -21.73 -23.47
CA LYS A 835 -3.14 -20.63 -24.40
C LYS A 835 -4.23 -19.59 -24.16
N TRP A 836 -3.85 -18.32 -24.21
CA TRP A 836 -4.81 -17.24 -24.06
C TRP A 836 -5.69 -17.16 -25.30
N VAL A 837 -7.01 -17.22 -25.10
CA VAL A 837 -7.99 -17.20 -26.18
C VAL A 837 -8.95 -16.04 -25.93
N ALA A 838 -9.37 -15.40 -27.02
CA ALA A 838 -10.37 -14.33 -26.95
C ALA A 838 -11.75 -14.97 -27.01
N LYS A 839 -12.43 -15.02 -25.87
CA LYS A 839 -13.73 -15.67 -25.78
C LYS A 839 -14.90 -14.70 -25.64
N TYR A 840 -14.70 -13.55 -25.02
CA TYR A 840 -15.78 -12.61 -24.74
C TYR A 840 -15.44 -11.24 -25.29
N PRO A 841 -16.45 -10.41 -25.57
CA PRO A 841 -16.19 -9.02 -25.89
C PRO A 841 -15.61 -8.30 -24.68
N PRO A 842 -14.82 -7.25 -24.89
CA PRO A 842 -14.13 -6.61 -23.76
C PRO A 842 -15.02 -5.65 -23.01
N CYS A 843 -14.59 -5.36 -21.78
CA CYS A 843 -15.22 -4.34 -20.94
C CYS A 843 -14.38 -3.07 -21.02
N GLN A 844 -15.05 -1.93 -21.21
CA GLN A 844 -14.34 -0.66 -21.28
C GLN A 844 -14.03 -0.09 -19.90
N LEU A 845 -14.58 -0.66 -18.83
CA LEU A 845 -14.40 -0.14 -17.49
C LEU A 845 -14.27 -1.27 -16.50
N ILE A 846 -13.29 -1.17 -15.60
CA ILE A 846 -13.12 -2.09 -14.48
C ILE A 846 -13.54 -1.34 -13.22
N LEU A 847 -14.61 -1.80 -12.59
CA LEU A 847 -15.19 -1.12 -11.44
C LEU A 847 -14.71 -1.82 -10.16
N LEU A 848 -13.94 -1.13 -9.35
CA LEU A 848 -13.45 -1.64 -8.09
C LEU A 848 -14.23 -1.02 -6.93
N ALA A 849 -13.93 -1.49 -5.72
CA ALA A 849 -14.55 -0.95 -4.51
C ALA A 849 -13.70 0.19 -3.98
N GLU A 850 -14.34 1.33 -3.72
CA GLU A 850 -13.66 2.49 -3.14
C GLU A 850 -13.24 2.16 -1.71
N LEU A 851 -11.96 1.87 -1.53
CA LEU A 851 -11.45 1.44 -0.23
C LEU A 851 -10.22 2.25 0.18
N SER A 852 -10.14 3.51 -0.27
CA SER A 852 -9.00 4.35 0.09
C SER A 852 -8.96 4.66 1.58
N GLU A 853 -10.09 4.60 2.27
CA GLU A 853 -10.14 4.86 3.71
C GLU A 853 -9.93 3.61 4.54
N TYR A 854 -9.82 2.43 3.91
CA TYR A 854 -9.59 1.19 4.63
C TYR A 854 -8.08 0.96 4.76
N GLN A 855 -7.45 1.85 5.52
CA GLN A 855 -6.01 1.84 5.72
C GLN A 855 -5.65 1.22 7.07
N PHE A 856 -4.36 0.99 7.26
CA PHE A 856 -3.88 0.54 8.56
C PHE A 856 -4.05 1.65 9.59
N ASN A 857 -4.73 1.34 10.69
CA ASN A 857 -4.98 2.33 11.73
C ASN A 857 -4.76 1.68 13.09
N ASN A 858 -4.25 2.48 14.03
CA ASN A 858 -4.01 1.98 15.38
C ASN A 858 -5.31 1.65 16.11
N ASP A 859 -6.43 2.23 15.69
CA ASP A 859 -7.71 1.88 16.31
C ASP A 859 -8.11 0.45 16.01
N ARG A 860 -7.74 -0.07 14.84
CA ARG A 860 -8.04 -1.44 14.50
C ARG A 860 -7.15 -2.39 15.30
N PRO A 861 -7.63 -3.59 15.60
CA PRO A 861 -6.79 -4.56 16.30
C PRO A 861 -5.59 -4.93 15.44
N PRO A 862 -4.47 -5.29 16.07
CA PRO A 862 -3.25 -5.58 15.29
C PRO A 862 -3.42 -6.73 14.31
N SER A 863 -4.31 -7.68 14.61
CA SER A 863 -4.61 -8.73 13.65
C SER A 863 -5.23 -8.15 12.38
N GLU A 864 -6.32 -7.39 12.54
CA GLU A 864 -6.98 -6.80 11.38
C GLU A 864 -6.03 -5.95 10.55
N ASN A 865 -5.12 -5.24 11.21
CA ASN A 865 -4.08 -4.51 10.47
C ASN A 865 -3.17 -5.47 9.71
N ASN A 866 -2.79 -6.59 10.36
CA ASN A 866 -1.92 -7.56 9.69
C ASN A 866 -2.57 -8.12 8.44
N GLN A 867 -3.89 -8.34 8.48
CA GLN A 867 -4.59 -8.83 7.30
C GLN A 867 -4.57 -7.80 6.17
N LEU A 868 -4.75 -6.52 6.52
CA LEU A 868 -4.75 -5.48 5.50
C LEU A 868 -3.39 -5.37 4.81
N MSE A 869 -2.32 -5.75 5.48
CA MSE A 869 -0.98 -5.73 4.87
C MSE A 869 -0.76 -6.98 4.03
O MSE A 869 -0.14 -6.91 2.96
CB MSE A 869 0.10 -5.61 5.94
CG MSE A 869 0.47 -4.17 6.26
SE MSE A 869 1.56 -4.01 7.85
CE MSE A 869 0.27 -4.72 9.11
N GLN A 870 -1.27 -8.12 4.50
CA GLN A 870 -1.31 -9.31 3.66
C GLN A 870 -2.15 -9.06 2.42
N TRP A 871 -3.29 -8.42 2.59
CA TRP A 871 -4.17 -8.10 1.47
C TRP A 871 -3.54 -7.08 0.55
N SER A 872 -3.20 -5.91 1.10
CA SER A 872 -2.61 -4.80 0.35
C SER A 872 -3.45 -4.49 -0.89
N HIS A 873 -4.71 -4.12 -0.64
CA HIS A 873 -5.65 -3.85 -1.74
C HIS A 873 -5.29 -2.57 -2.48
N ARG A 874 -4.75 -1.57 -1.77
CA ARG A 874 -4.33 -0.35 -2.44
C ARG A 874 -3.17 -0.60 -3.40
N GLY A 875 -2.33 -1.59 -3.09
CA GLY A 875 -1.32 -2.02 -4.05
C GLY A 875 -1.91 -2.70 -5.26
N VAL A 876 -2.99 -3.46 -5.09
CA VAL A 876 -3.69 -4.05 -6.22
C VAL A 876 -4.34 -2.95 -7.06
N PHE A 877 -4.84 -1.90 -6.40
CA PHE A 877 -5.48 -0.81 -7.12
C PHE A 877 -4.50 -0.04 -7.97
N GLN A 878 -3.28 0.18 -7.46
CA GLN A 878 -2.28 0.92 -8.22
C GLN A 878 -1.68 0.07 -9.34
N GLU A 879 -1.54 -1.24 -9.11
CA GLU A 879 -0.99 -2.10 -10.16
C GLU A 879 -1.97 -2.27 -11.31
N LEU A 880 -3.28 -2.17 -11.03
CA LEU A 880 -4.26 -2.23 -12.10
C LEU A 880 -4.20 -1.00 -12.99
N ILE A 881 -4.04 0.18 -12.38
CA ILE A 881 -3.96 1.42 -13.15
C ILE A 881 -2.72 1.40 -14.04
N ASN A 882 -1.63 0.83 -13.55
CA ASN A 882 -0.41 0.74 -14.35
C ASN A 882 -0.62 -0.16 -15.57
N GLN A 883 -1.06 -1.39 -15.35
CA GLN A 883 -1.14 -2.37 -16.43
C GLN A 883 -2.26 -2.08 -17.42
N ALA A 884 -3.25 -1.27 -17.04
CA ALA A 884 -4.39 -1.00 -17.90
C ALA A 884 -4.15 0.16 -18.86
N GLN A 885 -3.06 0.91 -18.69
CA GLN A 885 -2.85 2.10 -19.51
C GLN A 885 -2.65 1.75 -20.98
N VAL A 886 -2.07 0.59 -21.26
CA VAL A 886 -1.79 0.22 -22.65
C VAL A 886 -3.04 -0.31 -23.34
N HIS A 887 -3.94 -0.95 -22.59
CA HIS A 887 -5.12 -1.58 -23.17
C HIS A 887 -6.31 -0.63 -23.26
N ASP A 888 -6.12 0.66 -22.96
CA ASP A 888 -7.19 1.65 -23.00
C ASP A 888 -8.35 1.27 -22.10
N LEU A 889 -8.05 0.58 -20.99
CA LEU A 889 -9.06 0.19 -20.03
C LEU A 889 -9.18 1.25 -18.94
N LEU A 890 -10.41 1.64 -18.63
CA LEU A 890 -10.67 2.55 -17.53
C LEU A 890 -10.86 1.75 -16.25
N VAL A 891 -10.22 2.20 -15.17
CA VAL A 891 -10.33 1.56 -13.85
C VAL A 891 -10.89 2.60 -12.89
N GLY A 892 -12.08 2.33 -12.37
CA GLY A 892 -12.74 3.25 -11.46
C GLY A 892 -13.22 2.54 -10.21
N THR A 893 -13.52 3.34 -9.20
CA THR A 893 -13.99 2.83 -7.91
C THR A 893 -15.45 3.21 -7.69
N MSE A 894 -16.09 2.47 -6.79
CA MSE A 894 -17.46 2.74 -6.41
C MSE A 894 -17.60 2.73 -4.90
O MSE A 894 -16.96 1.92 -4.21
CB MSE A 894 -18.42 1.74 -7.03
CG MSE A 894 -19.43 2.35 -7.97
SE MSE A 894 -20.56 3.66 -7.07
CE MSE A 894 -21.27 4.59 -8.64
N TYR A 895 -18.43 3.64 -4.37
CA TYR A 895 -18.67 3.73 -2.94
C TYR A 895 -19.12 2.38 -2.39
N ALA A 896 -18.31 1.81 -1.51
CA ALA A 896 -18.42 0.40 -1.15
C ALA A 896 -19.04 0.16 0.22
N ALA A 897 -19.61 1.17 0.85
CA ALA A 897 -20.21 0.97 2.16
C ALA A 897 -21.43 0.07 2.07
N PHE A 898 -21.46 -0.97 2.90
CA PHE A 898 -22.55 -1.94 2.95
C PHE A 898 -22.73 -2.67 1.61
N SER A 899 -21.66 -2.80 0.84
CA SER A 899 -21.74 -3.51 -0.43
C SER A 899 -21.92 -5.01 -0.22
N SER A 900 -21.43 -5.54 0.88
CA SER A 900 -21.51 -6.96 1.17
C SER A 900 -22.63 -7.31 2.15
N ARG A 901 -23.38 -6.33 2.63
CA ARG A 901 -24.42 -6.55 3.62
C ARG A 901 -25.83 -6.30 3.08
N PHE A 902 -25.97 -5.92 1.81
CA PHE A 902 -27.27 -5.73 1.20
C PHE A 902 -27.36 -6.56 -0.07
N ASP A 903 -28.57 -7.00 -0.40
CA ASP A 903 -28.78 -7.85 -1.56
C ASP A 903 -28.66 -7.03 -2.84
N ALA A 904 -27.94 -7.58 -3.82
CA ALA A 904 -27.79 -6.88 -5.10
C ALA A 904 -29.03 -6.99 -5.97
N ARG A 905 -29.72 -8.13 -5.91
CA ARG A 905 -30.94 -8.37 -6.67
C ARG A 905 -32.17 -7.82 -5.96
N THR A 906 -32.32 -8.11 -4.67
CA THR A 906 -33.50 -7.72 -3.90
C THR A 906 -33.35 -6.31 -3.31
N GLY A 907 -32.21 -6.03 -2.68
CA GLY A 907 -32.02 -4.80 -1.95
C GLY A 907 -32.16 -4.96 -0.45
N ALA A 908 -32.70 -6.08 0.02
CA ALA A 908 -32.86 -6.31 1.44
C ALA A 908 -31.50 -6.53 2.11
N PRO A 909 -31.33 -6.09 3.35
CA PRO A 909 -30.10 -6.36 4.07
C PRO A 909 -29.99 -7.84 4.42
N GLY A 910 -28.75 -8.28 4.61
CA GLY A 910 -28.51 -9.69 4.88
C GLY A 910 -27.35 -9.97 5.80
N ILE A 911 -27.00 -11.25 5.94
CA ILE A 911 -25.93 -11.70 6.82
C ILE A 911 -25.04 -12.67 6.04
N ARG A 912 -23.72 -12.48 6.18
CA ARG A 912 -22.78 -13.44 5.62
C ARG A 912 -22.83 -14.74 6.43
N CYS A 913 -23.05 -15.86 5.75
CA CYS A 913 -23.21 -17.14 6.41
C CYS A 913 -22.25 -18.16 5.82
N ARG A 914 -22.04 -19.24 6.57
CA ARG A 914 -21.30 -20.41 6.11
C ARG A 914 -22.21 -21.62 6.10
N ARG A 915 -21.86 -22.60 5.28
CA ARG A 915 -22.60 -23.86 5.20
C ARG A 915 -21.75 -24.98 5.80
N VAL A 916 -22.41 -25.89 6.50
CA VAL A 916 -21.71 -26.95 7.21
C VAL A 916 -21.07 -27.90 6.22
N PRO A 917 -19.78 -28.21 6.36
CA PRO A 917 -19.15 -29.16 5.43
C PRO A 917 -19.56 -30.60 5.74
N ALA A 918 -19.52 -31.43 4.69
CA ALA A 918 -19.92 -32.83 4.83
C ALA A 918 -18.92 -33.66 5.63
N ARG A 919 -17.72 -33.14 5.88
CA ARG A 919 -16.76 -33.87 6.71
C ARG A 919 -17.29 -34.08 8.12
N CYS A 920 -18.14 -33.17 8.59
CA CYS A 920 -18.62 -33.18 9.96
C CYS A 920 -19.97 -33.86 10.12
N THR A 921 -20.62 -34.26 9.02
CA THR A 921 -21.91 -34.90 9.09
C THR A 921 -21.91 -36.37 8.65
N GLN A 922 -20.86 -36.80 7.95
CA GLN A 922 -20.77 -38.20 7.55
C GLN A 922 -20.62 -39.10 8.77
N GLU A 923 -21.36 -40.20 8.77
CA GLU A 923 -21.38 -41.07 9.96
C GLU A 923 -20.12 -41.93 10.07
N HIS A 924 -19.46 -42.20 8.95
CA HIS A 924 -18.24 -43.02 8.95
C HIS A 924 -17.04 -42.09 9.15
N ASN A 925 -16.50 -42.09 10.37
CA ASN A 925 -15.34 -41.31 10.76
C ASN A 925 -15.57 -39.82 10.50
N PRO A 926 -16.34 -39.15 11.35
CA PRO A 926 -16.55 -37.71 11.16
C PRO A 926 -15.37 -36.88 11.66
N GLU A 927 -15.14 -35.77 10.95
CA GLU A 927 -14.06 -34.89 11.35
C GLU A 927 -14.57 -33.80 12.30
N PRO A 928 -13.70 -33.30 13.19
CA PRO A 928 -14.16 -32.34 14.20
C PRO A 928 -14.71 -31.06 13.57
N PHE A 929 -15.50 -30.34 14.38
CA PHE A 929 -16.09 -29.09 13.92
C PHE A 929 -15.03 -28.01 13.78
N PRO A 930 -15.18 -27.10 12.81
CA PRO A 930 -14.27 -25.95 12.72
C PRO A 930 -14.47 -24.96 13.85
N TRP A 931 -13.80 -23.80 13.77
CA TRP A 931 -13.90 -22.82 14.84
C TRP A 931 -15.26 -22.11 14.82
N TRP A 932 -15.74 -21.76 13.62
CA TRP A 932 -16.99 -21.01 13.53
C TRP A 932 -18.20 -21.87 13.88
N LEU A 933 -18.15 -23.16 13.55
CA LEU A 933 -19.24 -24.05 13.92
C LEU A 933 -19.31 -24.23 15.43
N ASN A 934 -18.17 -24.20 16.12
CA ASN A 934 -18.17 -24.35 17.57
C ASN A 934 -18.75 -23.12 18.25
N LYS A 935 -18.30 -21.92 17.84
CA LYS A 935 -18.81 -20.69 18.45
C LYS A 935 -20.32 -20.56 18.25
N PHE A 936 -20.82 -20.98 17.09
CA PHE A 936 -22.26 -20.91 16.84
C PHE A 936 -23.01 -21.92 17.70
N VAL A 937 -22.49 -23.13 17.85
CA VAL A 937 -23.13 -24.13 18.69
C VAL A 937 -23.11 -23.69 20.15
N VAL A 938 -22.06 -23.02 20.59
CA VAL A 938 -21.96 -22.61 21.99
C VAL A 938 -22.94 -21.50 22.30
N GLU A 939 -23.07 -20.53 21.40
CA GLU A 939 -23.93 -19.37 21.66
C GLU A 939 -25.38 -19.80 21.90
N HIS A 940 -25.91 -20.67 21.04
CA HIS A 940 -27.29 -21.11 21.12
C HIS A 940 -27.46 -22.46 21.79
N THR A 941 -26.36 -23.07 22.25
CA THR A 941 -26.37 -24.35 22.96
C THR A 941 -27.12 -25.42 22.16
N LEU A 942 -26.49 -25.81 21.05
CA LEU A 942 -27.03 -26.83 20.15
C LEU A 942 -26.17 -28.08 20.14
N ASP A 943 -25.77 -28.53 21.33
CA ASP A 943 -24.88 -29.69 21.42
C ASP A 943 -25.59 -30.98 21.02
N ALA A 944 -26.88 -31.10 21.35
CA ALA A 944 -27.65 -32.31 21.08
C ALA A 944 -28.49 -32.19 19.81
N CYS A 945 -28.17 -31.25 18.93
CA CYS A 945 -28.92 -31.05 17.70
C CYS A 945 -28.10 -31.55 16.52
N PRO A 946 -28.62 -32.48 15.72
CA PRO A 946 -27.84 -33.04 14.61
C PRO A 946 -27.84 -32.11 13.41
N LEU A 947 -26.66 -31.59 13.08
CA LEU A 947 -26.52 -30.76 11.89
C LEU A 947 -26.53 -31.62 10.63
N ARG A 948 -27.05 -31.05 9.55
CA ARG A 948 -27.08 -31.71 8.25
C ARG A 948 -26.05 -31.06 7.33
N ALA A 949 -25.88 -31.68 6.16
CA ALA A 949 -24.98 -31.13 5.15
C ALA A 949 -25.59 -29.87 4.55
N ASP A 950 -24.73 -28.89 4.27
CA ASP A 950 -25.11 -27.62 3.67
C ASP A 950 -26.09 -26.83 4.54
N ASP A 951 -25.97 -26.96 5.85
CA ASP A 951 -26.78 -26.16 6.76
C ASP A 951 -26.19 -24.77 6.89
N LEU A 952 -27.02 -23.75 6.67
CA LEU A 952 -26.57 -22.37 6.77
C LEU A 952 -26.26 -22.02 8.23
N ILE A 953 -25.08 -21.48 8.47
CA ILE A 953 -24.67 -21.06 9.80
C ILE A 953 -24.38 -19.56 9.77
N PRO A 954 -25.25 -18.72 10.32
CA PRO A 954 -25.00 -17.28 10.32
C PRO A 954 -23.83 -16.88 11.21
N THR A 955 -22.71 -16.51 10.59
CA THR A 955 -21.52 -16.10 11.33
C THR A 955 -21.18 -14.63 11.19
N GLY A 956 -21.76 -13.94 10.21
CA GLY A 956 -21.42 -12.56 9.93
C GLY A 956 -20.13 -12.38 9.15
N GLU A 957 -19.47 -13.47 8.74
CA GLU A 957 -18.21 -13.34 8.01
C GLU A 957 -18.01 -14.47 7.00
N GLY A 958 -19.07 -15.18 6.60
CA GLY A 958 -18.95 -16.27 5.67
C GLY A 958 -18.89 -15.80 4.22
N GLU A 959 -18.76 -16.78 3.33
CA GLU A 959 -18.68 -16.53 1.89
C GLU A 959 -20.02 -16.67 1.19
N ILE A 960 -21.10 -16.88 1.93
CA ILE A 960 -22.44 -17.05 1.36
C ILE A 960 -23.33 -15.97 1.95
N PHE A 961 -23.85 -15.10 1.09
CA PHE A 961 -24.73 -14.01 1.51
C PHE A 961 -26.17 -14.46 1.49
N VAL A 962 -26.85 -14.33 2.63
CA VAL A 962 -28.24 -14.72 2.79
C VAL A 962 -29.05 -13.49 3.16
N SER A 963 -30.16 -13.28 2.47
CA SER A 963 -31.06 -12.16 2.73
C SER A 963 -32.49 -12.65 2.68
N PRO A 964 -33.39 -12.05 3.48
CA PRO A 964 -34.81 -12.43 3.39
C PRO A 964 -35.40 -12.03 2.05
N PHE A 965 -36.20 -12.93 1.48
CA PHE A 965 -36.75 -12.72 0.15
C PHE A 965 -38.20 -12.24 0.18
N SER A 966 -38.91 -12.45 1.27
CA SER A 966 -40.30 -12.02 1.41
C SER A 966 -40.67 -12.08 2.90
N ALA A 967 -41.95 -11.91 3.19
CA ALA A 967 -42.42 -12.05 4.57
C ALA A 967 -42.47 -13.50 5.03
N GLU A 968 -42.30 -14.45 4.11
CA GLU A 968 -42.29 -15.87 4.49
C GLU A 968 -41.10 -16.17 5.38
N GLU A 969 -41.36 -16.71 6.56
CA GLU A 969 -40.30 -17.09 7.47
C GLU A 969 -39.54 -18.28 6.88
N GLY A 970 -38.27 -18.05 6.53
CA GLY A 970 -37.44 -19.07 5.91
C GLY A 970 -37.17 -18.83 4.43
N ASP A 971 -37.96 -17.98 3.78
CA ASP A 971 -37.72 -17.65 2.39
C ASP A 971 -36.44 -16.82 2.28
N PHE A 972 -35.37 -17.45 1.80
CA PHE A 972 -34.06 -16.82 1.73
C PHE A 972 -33.60 -16.70 0.28
N HIS A 973 -32.78 -15.69 0.02
CA HIS A 973 -32.08 -15.53 -1.24
C HIS A 973 -30.59 -15.66 -0.96
N GLN A 974 -29.98 -16.72 -1.47
CA GLN A 974 -28.59 -17.06 -1.17
C GLN A 974 -27.73 -16.89 -2.43
N ILE A 975 -26.55 -16.31 -2.25
CA ILE A 975 -25.62 -16.07 -3.35
C ILE A 975 -24.24 -15.88 -2.76
N HIS A 976 -23.21 -16.09 -3.58
CA HIS A 976 -21.84 -15.91 -3.14
C HIS A 976 -21.64 -14.48 -2.62
N ALA A 977 -21.02 -14.37 -1.45
CA ALA A 977 -20.88 -13.06 -0.81
C ALA A 977 -20.05 -12.10 -1.66
N ALA A 978 -18.97 -12.60 -2.27
CA ALA A 978 -18.11 -11.73 -3.06
C ALA A 978 -18.78 -11.34 -4.37
N LEU A 979 -19.51 -12.27 -5.00
CA LEU A 979 -20.21 -11.93 -6.23
C LEU A 979 -21.38 -11.00 -5.96
N ASN A 980 -22.06 -11.19 -4.82
CA ASN A 980 -23.12 -10.26 -4.44
C ASN A 980 -22.56 -8.85 -4.23
N ALA A 981 -21.40 -8.75 -3.56
CA ALA A 981 -20.76 -7.45 -3.42
C ALA A 981 -20.30 -6.89 -4.75
N ALA A 982 -19.90 -7.76 -5.68
CA ALA A 982 -19.51 -7.29 -7.01
C ALA A 982 -20.71 -6.76 -7.78
N GLN A 983 -21.83 -7.48 -7.74
CA GLN A 983 -23.03 -7.02 -8.44
C GLN A 983 -23.63 -5.79 -7.77
N ASN A 984 -23.41 -5.62 -6.46
CA ASN A 984 -23.90 -4.43 -5.79
C ASN A 984 -23.19 -3.18 -6.30
N LEU A 985 -21.89 -3.28 -6.56
CA LEU A 985 -21.17 -2.16 -7.17
C LEU A 985 -21.75 -1.83 -8.54
N GLN A 986 -22.18 -2.86 -9.29
CA GLN A 986 -22.78 -2.62 -10.60
C GLN A 986 -24.14 -1.95 -10.45
N GLN A 987 -24.97 -2.45 -9.53
CA GLN A 987 -26.28 -1.84 -9.30
C GLN A 987 -26.15 -0.39 -8.89
N ARG A 988 -25.11 -0.06 -8.12
CA ARG A 988 -24.90 1.32 -7.69
C ARG A 988 -24.37 2.20 -8.82
N LEU A 989 -23.75 1.60 -9.84
CA LEU A 989 -23.20 2.41 -10.93
C LEU A 989 -24.32 2.93 -11.84
N TRP A 990 -25.29 2.08 -12.15
CA TRP A 990 -26.35 2.45 -13.10
C TRP A 990 -27.51 3.18 -12.43
N SER A 991 -27.54 3.26 -11.11
CA SER A 991 -28.62 3.95 -10.40
C SER A 991 -28.16 5.24 -9.73
N ASP A 992 -26.89 5.61 -9.87
CA ASP A 992 -26.32 6.77 -9.20
C ASP A 992 -26.59 6.72 -7.70
N PHE A 993 -26.10 5.64 -7.09
CA PHE A 993 -26.40 5.37 -5.68
C PHE A 993 -25.71 6.38 -4.77
N ASP A 994 -26.38 6.70 -3.67
CA ASP A 994 -25.80 7.46 -2.58
C ASP A 994 -26.23 6.82 -1.27
N ILE A 995 -25.34 6.89 -0.27
CA ILE A 995 -25.62 6.23 1.01
C ILE A 995 -26.84 6.81 1.69
N SER A 996 -27.23 8.05 1.34
CA SER A 996 -28.39 8.67 1.95
C SER A 996 -29.70 7.93 1.65
N GLN A 997 -29.69 7.03 0.67
CA GLN A 997 -30.88 6.23 0.36
C GLN A 997 -31.06 5.06 1.31
N ILE A 998 -30.10 4.78 2.18
CA ILE A 998 -30.12 3.59 3.01
C ILE A 998 -29.78 3.93 4.46
N ARG A 999 -28.81 4.83 4.65
CA ARG A 999 -28.32 5.17 5.97
C ARG A 999 -28.29 6.69 6.14
N LEU A 1000 -28.65 7.15 7.34
CA LEU A 1000 -28.73 8.57 7.62
C LEU A 1000 -28.35 8.83 9.07
N ARG A 1001 -27.43 9.76 9.29
CA ARG A 1001 -27.08 10.19 10.63
C ARG A 1001 -27.89 11.43 11.00
N CYS A 1002 -28.40 11.45 12.23
CA CYS A 1002 -29.31 12.50 12.66
C CYS A 1002 -28.99 12.91 14.09
N ASP A 1003 -29.45 14.11 14.45
CA ASP A 1003 -29.33 14.65 15.80
C ASP A 1003 -30.69 15.17 16.25
N TRP A 1004 -30.93 15.06 17.56
CA TRP A 1004 -32.20 15.52 18.11
C TRP A 1004 -32.27 17.04 18.10
N GLY A 1005 -33.48 17.56 18.21
CA GLY A 1005 -33.69 18.99 18.24
C GLY A 1005 -35.16 19.32 18.11
N GLU A 1006 -35.45 20.60 18.36
CA GLU A 1006 -36.80 21.13 18.26
C GLU A 1006 -36.99 21.80 16.90
N VAL A 1007 -38.13 21.53 16.27
CA VAL A 1007 -38.45 22.13 14.98
C VAL A 1007 -39.84 22.75 15.04
N ASP A 1008 -40.87 21.92 15.21
CA ASP A 1008 -42.25 22.37 15.27
C ASP A 1008 -42.87 22.03 16.61
N GLY A 1009 -42.09 22.13 17.68
CA GLY A 1009 -42.55 21.90 19.03
C GLY A 1009 -42.29 20.50 19.56
N GLU A 1010 -42.06 19.53 18.69
CA GLU A 1010 -41.84 18.15 19.09
C GLU A 1010 -40.38 17.76 18.87
N LEU A 1011 -39.90 16.83 19.69
CA LEU A 1011 -38.54 16.31 19.54
C LEU A 1011 -38.46 15.45 18.29
N VAL A 1012 -37.54 15.78 17.39
CA VAL A 1012 -37.38 15.10 16.12
C VAL A 1012 -35.89 14.94 15.81
N LEU A 1013 -35.59 14.04 14.88
CA LEU A 1013 -34.23 13.80 14.44
C LEU A 1013 -33.94 14.65 13.20
N ILE A 1014 -32.95 15.53 13.31
CA ILE A 1014 -32.55 16.40 12.21
C ILE A 1014 -31.38 15.74 11.49
N PRO A 1015 -31.49 15.40 10.20
CA PRO A 1015 -30.42 14.66 9.54
C PRO A 1015 -29.23 15.55 9.23
N ARG A 1016 -28.04 14.97 9.35
CA ARG A 1016 -26.81 15.69 9.02
C ARG A 1016 -26.65 15.78 7.51
N LEU A 1017 -26.46 16.99 7.00
CA LEU A 1017 -26.32 17.23 5.57
C LEU A 1017 -24.87 17.01 5.19
N THR A 1018 -24.57 15.83 4.64
CA THR A 1018 -23.22 15.47 4.21
C THR A 1018 -23.25 15.26 2.70
N GLY A 1019 -22.60 16.16 1.96
CA GLY A 1019 -22.64 16.13 0.53
C GLY A 1019 -23.91 16.74 -0.03
N LYS A 1020 -23.85 17.13 -1.31
CA LYS A 1020 -24.98 17.80 -1.94
C LYS A 1020 -26.16 16.85 -2.14
N ARG A 1021 -25.91 15.55 -2.20
CA ARG A 1021 -27.02 14.60 -2.39
C ARG A 1021 -27.88 14.49 -1.14
N THR A 1022 -27.25 14.43 0.03
CA THR A 1022 -28.02 14.39 1.28
C THR A 1022 -28.80 15.68 1.47
N ALA A 1023 -28.21 16.82 1.09
CA ALA A 1023 -28.90 18.09 1.22
C ALA A 1023 -30.02 18.25 0.20
N ASP A 1024 -29.92 17.56 -0.94
CA ASP A 1024 -30.96 17.68 -1.96
C ASP A 1024 -32.24 16.95 -1.57
N SER A 1025 -32.16 15.98 -0.67
CA SER A 1025 -33.29 15.12 -0.34
C SER A 1025 -33.85 15.33 1.06
N TYR A 1026 -32.99 15.53 2.06
CA TYR A 1026 -33.42 15.52 3.46
C TYR A 1026 -33.11 16.83 4.18
N SER A 1027 -32.82 17.91 3.46
CA SER A 1027 -32.56 19.18 4.12
C SER A 1027 -33.86 19.78 4.69
N ASN A 1028 -34.92 19.75 3.90
CA ASN A 1028 -36.22 20.30 4.32
C ASN A 1028 -37.08 19.29 5.06
N LYS A 1029 -36.52 18.15 5.45
CA LYS A 1029 -37.28 17.07 6.07
C LYS A 1029 -36.72 16.76 7.46
N VAL A 1030 -37.55 16.09 8.25
CA VAL A 1030 -37.20 15.73 9.62
C VAL A 1030 -37.97 14.46 9.99
N PHE A 1031 -37.46 13.73 10.98
CA PHE A 1031 -37.98 12.42 11.34
C PHE A 1031 -38.56 12.45 12.75
N TYR A 1032 -39.78 11.91 12.89
CA TYR A 1032 -40.46 11.80 14.17
C TYR A 1032 -40.68 10.33 14.53
N THR A 1033 -41.21 10.09 15.72
CA THR A 1033 -41.38 8.73 16.22
C THR A 1033 -42.54 8.67 17.19
N ASN A 1034 -43.00 7.44 17.45
CA ASN A 1034 -43.93 7.15 18.54
C ASN A 1034 -43.39 6.10 19.50
N THR A 1035 -42.42 5.29 19.08
CA THR A 1035 -41.86 4.24 19.91
C THR A 1035 -40.35 4.32 20.06
N GLY A 1036 -39.65 5.13 19.26
CA GLY A 1036 -38.22 5.26 19.35
C GLY A 1036 -37.43 4.32 18.46
N VAL A 1037 -38.11 3.51 17.63
CA VAL A 1037 -37.44 2.52 16.79
C VAL A 1037 -37.71 2.77 15.31
N THR A 1038 -38.94 3.12 14.95
CA THR A 1038 -39.34 3.28 13.56
C THR A 1038 -39.69 4.74 13.30
N TYR A 1039 -38.92 5.39 12.44
CA TYR A 1039 -39.03 6.82 12.21
C TYR A 1039 -39.69 7.12 10.87
N TYR A 1040 -40.41 8.23 10.82
CA TYR A 1040 -41.14 8.66 9.63
C TYR A 1040 -40.79 10.11 9.32
N GLU A 1041 -40.91 10.46 8.03
CA GLU A 1041 -40.47 11.76 7.55
C GLU A 1041 -41.56 12.82 7.69
N ARG A 1042 -41.15 14.01 8.13
CA ARG A 1042 -41.99 15.21 8.09
C ARG A 1042 -41.45 16.17 7.03
N GLU A 1043 -41.99 17.38 7.01
CA GLU A 1043 -41.66 18.36 5.97
C GLU A 1043 -41.55 19.76 6.58
N ARG A 1044 -40.59 19.95 7.49
CA ARG A 1044 -40.38 21.26 8.11
C ARG A 1044 -38.92 21.66 8.26
N GLY A 1045 -37.97 20.73 8.23
CA GLY A 1045 -36.57 21.08 8.33
C GLY A 1045 -36.17 21.58 9.70
N ARG A 1072 -31.56 13.82 24.07
CA ARG A 1072 -30.24 13.26 24.34
C ARG A 1072 -29.15 14.11 23.71
N GLU A 1073 -27.92 13.61 23.73
CA GLU A 1073 -26.77 14.32 23.19
C GLU A 1073 -26.04 13.56 22.08
N LYS A 1074 -26.16 12.24 22.02
CA LYS A 1074 -25.51 11.47 20.98
C LYS A 1074 -26.35 11.46 19.70
N SER A 1075 -25.69 11.18 18.58
CA SER A 1075 -26.39 11.09 17.31
C SER A 1075 -27.06 9.73 17.16
N VAL A 1076 -27.99 9.66 16.21
CA VAL A 1076 -28.76 8.45 15.95
C VAL A 1076 -28.64 8.11 14.47
N VAL A 1077 -28.32 6.85 14.16
CA VAL A 1077 -28.21 6.37 12.79
C VAL A 1077 -29.50 5.66 12.41
N LEU A 1078 -30.08 6.06 11.28
CA LEU A 1078 -31.31 5.45 10.79
C LEU A 1078 -31.02 4.58 9.58
N MSE A 1079 -31.57 3.38 9.58
CA MSE A 1079 -31.41 2.45 8.46
C MSE A 1079 -32.74 2.25 7.73
O MSE A 1079 -33.80 2.54 8.27
CB MSE A 1079 -30.88 1.11 8.95
CG MSE A 1079 -29.46 1.17 9.50
SE MSE A 1079 -28.17 1.66 8.13
CE MSE A 1079 -26.54 1.53 9.20
N ARG A 1080 -32.67 1.75 6.50
CA ARG A 1080 -33.86 1.61 5.68
C ARG A 1080 -33.70 0.42 4.74
N ASP A 1081 -34.75 -0.39 4.63
CA ASP A 1081 -34.76 -1.52 3.70
C ASP A 1081 -35.37 -1.06 2.39
N PRO A 1082 -34.60 -0.90 1.32
CA PRO A 1082 -35.19 -0.50 0.04
C PRO A 1082 -36.16 -1.51 -0.53
N SER A 1083 -36.06 -2.78 -0.14
CA SER A 1083 -36.99 -3.80 -0.61
C SER A 1083 -38.28 -3.85 0.20
N GLY A 1084 -38.36 -3.12 1.31
CA GLY A 1084 -39.56 -3.11 2.11
C GLY A 1084 -39.88 -4.40 2.82
N ILE A 1085 -38.89 -5.28 2.98
CA ILE A 1085 -39.11 -6.57 3.63
C ILE A 1085 -38.97 -6.45 5.14
N ILE A 1086 -37.99 -5.69 5.60
CA ILE A 1086 -37.69 -5.56 7.02
C ILE A 1086 -38.24 -4.22 7.51
N ASN A 1087 -39.18 -4.29 8.45
CA ASN A 1087 -39.89 -3.12 8.98
C ASN A 1087 -40.56 -2.31 7.86
N ARG A 1088 -41.04 -3.01 6.83
CA ARG A 1088 -41.73 -2.40 5.69
C ARG A 1088 -40.92 -1.29 5.05
N GLY A 1089 -39.59 -1.37 5.16
CA GLY A 1089 -38.74 -0.36 4.57
C GLY A 1089 -38.85 1.01 5.20
N ASN A 1090 -39.30 1.10 6.44
CA ASN A 1090 -39.30 2.38 7.14
C ASN A 1090 -37.93 2.65 7.75
N TRP A 1091 -37.71 3.91 8.12
CA TRP A 1091 -36.46 4.28 8.78
C TRP A 1091 -36.43 3.70 10.18
N THR A 1092 -35.39 2.92 10.47
CA THR A 1092 -35.25 2.22 11.74
C THR A 1092 -33.90 2.53 12.36
N ARG A 1093 -33.87 2.59 13.69
CA ARG A 1093 -32.62 2.75 14.40
C ARG A 1093 -31.66 1.61 14.05
N GLN A 1094 -30.36 1.93 13.97
CA GLN A 1094 -29.38 0.96 13.49
C GLN A 1094 -29.37 -0.29 14.36
N LYS A 1095 -29.53 -0.13 15.68
CA LYS A 1095 -29.47 -1.28 16.58
C LYS A 1095 -30.61 -2.25 16.33
N GLU A 1096 -31.85 -1.75 16.34
CA GLU A 1096 -33.00 -2.63 16.14
C GLU A 1096 -33.13 -3.09 14.70
N PHE A 1097 -32.66 -2.28 13.75
CA PHE A 1097 -32.76 -2.65 12.34
C PHE A 1097 -32.03 -3.96 12.05
N TRP A 1098 -30.76 -4.05 12.49
CA TRP A 1098 -29.97 -5.23 12.21
C TRP A 1098 -30.34 -6.41 13.10
N SER A 1099 -30.98 -6.17 14.25
CA SER A 1099 -31.52 -7.27 15.03
C SER A 1099 -32.74 -7.89 14.39
N MSE A 1100 -33.44 -7.13 13.55
CA MSE A 1100 -34.58 -7.67 12.78
C MSE A 1100 -34.06 -8.51 11.63
O MSE A 1100 -34.65 -9.55 11.31
CB MSE A 1100 -35.46 -6.54 12.26
CG MSE A 1100 -36.17 -5.75 13.36
SE MSE A 1100 -37.13 -4.20 12.67
CE MSE A 1100 -37.74 -3.45 14.36
N VAL A 1101 -32.98 -8.07 11.01
CA VAL A 1101 -32.30 -8.89 10.01
C VAL A 1101 -31.79 -10.17 10.66
N ASN A 1102 -31.24 -10.06 11.86
CA ASN A 1102 -30.72 -11.23 12.57
C ASN A 1102 -31.85 -12.18 12.95
N GLN A 1103 -33.00 -11.64 13.36
CA GLN A 1103 -34.10 -12.50 13.79
C GLN A 1103 -34.66 -13.31 12.62
N ARG A 1104 -34.77 -12.70 11.45
CA ARG A 1104 -35.36 -13.38 10.30
C ARG A 1104 -34.40 -14.35 9.63
N ILE A 1105 -33.12 -14.35 10.00
CA ILE A 1105 -32.15 -15.28 9.42
C ILE A 1105 -31.59 -16.17 10.51
N GLU A 1106 -30.90 -15.57 11.49
CA GLU A 1106 -30.31 -16.37 12.56
C GLU A 1106 -31.39 -16.98 13.46
N GLY A 1107 -32.41 -16.18 13.81
CA GLY A 1107 -33.46 -16.69 14.67
C GLY A 1107 -34.25 -17.82 14.05
N TYR A 1108 -34.42 -17.80 12.73
CA TYR A 1108 -35.14 -18.87 12.04
C TYR A 1108 -34.30 -20.14 11.95
N LEU A 1109 -33.03 -20.01 11.54
CA LEU A 1109 -32.18 -21.18 11.40
C LEU A 1109 -31.95 -21.86 12.74
N VAL A 1110 -31.87 -21.09 13.82
CA VAL A 1110 -31.68 -21.67 15.15
C VAL A 1110 -32.92 -22.43 15.58
N LYS A 1111 -34.11 -21.85 15.36
CA LYS A 1111 -35.35 -22.50 15.78
C LYS A 1111 -35.58 -23.81 15.03
N GLN A 1112 -35.26 -23.85 13.73
CA GLN A 1112 -35.46 -25.08 12.97
C GLN A 1112 -34.45 -26.14 13.33
N ILE A 1113 -33.24 -25.76 13.75
CA ILE A 1113 -32.25 -26.74 14.16
C ILE A 1113 -32.65 -27.39 15.48
N ARG A 1114 -33.29 -26.62 16.37
CA ARG A 1114 -33.75 -27.17 17.64
C ARG A 1114 -34.83 -28.22 17.48
N SER A 1115 -35.37 -28.41 16.28
CA SER A 1115 -36.40 -29.41 16.05
C SER A 1115 -35.96 -30.44 15.02
S SO4 E . -21.17 7.84 9.71
O1 SO4 E . -20.98 8.08 11.13
O2 SO4 E . -21.89 6.59 9.51
O3 SO4 E . -21.93 8.94 9.12
O4 SO4 E . -19.86 7.76 9.06
S SO4 F . 35.14 24.31 -5.80
O1 SO4 F . 35.67 25.40 -4.99
O2 SO4 F . 34.30 23.45 -4.97
O3 SO4 F . 34.35 24.86 -6.89
O4 SO4 F . 36.25 23.53 -6.35
S SO4 G . -12.16 3.26 9.56
O1 SO4 G . -11.44 3.77 10.71
O2 SO4 G . -13.49 2.81 9.98
O3 SO4 G . -12.31 4.33 8.57
O4 SO4 G . -11.43 2.14 8.98
#